data_4XDN
#
_entry.id   4XDN
#
_cell.length_a   51.579
_cell.length_b   177.279
_cell.length_c   51.343
_cell.angle_alpha   90.00
_cell.angle_beta   111.11
_cell.angle_gamma   90.00
#
_symmetry.space_group_name_H-M   'P 1 21 1'
#
loop_
_entity.id
_entity.type
_entity.pdbx_description
1 polymer 'MAU2 chromatid cohesion factor homolog'
2 polymer 'Sister chromatid cohesion protein 2'
3 non-polymer 'SULFATE ION'
4 water water
#
loop_
_entity_poly.entity_id
_entity_poly.type
_entity_poly.pdbx_seq_one_letter_code
_entity_poly.pdbx_strand_id
1 'polypeptide(L)'
;MKSSHHHHHHENLYFQSNAMENLGDKLSISQVYHLAQEYRDHAYSIANKIGSEEGLKQYYGLMNMSIQMFQLLKTKCTLS
VLEDSKVTFEMVELLIQETYNFDLAELYISSLKERLQTHQSDTDLVEEIMRCEFLLLHDLPLMRDSKFHYKIALRNCNEL
VQYMVNLQDELYQNWASVFQYVGVMLCIKLKQHRRVKTSFHGLLSQCREKSQWKWFLNLCYVNYLLNERFPIPEDALQEL
RSTELHTVGPELYAWKLALEMVIQLCKDGNITDHLNEFKNFFDTNKQSLVTNEGKGCVIKIMPRIALKVELPMIFHYKEL
KNILLLLQSVSYIVNCYDEKGNFSRKFLPKVYSTTQKLIKNIAAGGVSMNELDSRIQTYKSILEFCEFYKVWEQTLLKGA
VVTTESPKLGPSPGYVRLLQAMKVQFEGGGAVEEYTRLAQSGGTSSEVKMISLLNCYTVQAARVSRCSGDKQGELVEQCN
KVWLQVEKLLQETDLQFNPIWECTVTILWLFSHFEPFSWNPLPCSDKQRAEYVSKLREFYSSNKFVAGEAVADNRFKLKK
ALLLQILVNYLGGRMLEHDLGEIYAISAKCFDMCRQQGGMRKVQYVIGIWHLMNCTVAMRGKDVALTNAKLEALVKQITS
VKQ
;
A
2 'polypeptide(L)'
;MKSSHHHHHHENLYFQSNAMSYPGKDKNIPGRIIEALEDLPLSYLVPKDGLAALVNAPMRVSLPFDKTIFTSADDGRDVN
INVLGTANSTTSSIKNEAEKERLVFKRPSNFTSSANSVDYVPTNFLEGLSPLAQSVLSTHKGLNDSINIEKKSEIVSRPE
AKHKLESVTSNAGNLSFNDNSSNKKTKTSTGVTMTQANLA
;
B
#
loop_
_chem_comp.id
_chem_comp.type
_chem_comp.name
_chem_comp.formula
SO4 non-polymer 'SULFATE ION' 'O4 S -2'
#
# COMPACT_ATOMS: atom_id res chain seq x y z
N GLY A 24 -56.87 -4.28 9.24
CA GLY A 24 -55.70 -4.00 8.43
C GLY A 24 -54.87 -5.24 8.17
N ASP A 25 -53.90 -5.14 7.27
CA ASP A 25 -53.03 -6.26 6.96
C ASP A 25 -52.03 -6.46 8.09
N LYS A 26 -51.94 -7.69 8.59
CA LYS A 26 -51.11 -7.99 9.75
C LYS A 26 -50.20 -9.20 9.56
N LEU A 27 -49.07 -9.16 10.24
CA LEU A 27 -48.17 -10.30 10.35
C LEU A 27 -47.65 -10.36 11.78
N SER A 28 -47.26 -11.55 12.23
CA SER A 28 -46.72 -11.68 13.59
C SER A 28 -45.38 -10.96 13.66
N ILE A 29 -44.98 -10.61 14.88
CA ILE A 29 -43.74 -9.86 15.08
C ILE A 29 -42.54 -10.66 14.59
N SER A 30 -42.58 -11.98 14.77
CA SER A 30 -41.49 -12.84 14.33
C SER A 30 -41.48 -13.00 12.81
N GLN A 31 -42.66 -12.98 12.19
CA GLN A 31 -42.77 -13.09 10.75
C GLN A 31 -42.20 -11.86 10.05
N VAL A 32 -42.46 -10.69 10.62
CA VAL A 32 -41.92 -9.44 10.09
C VAL A 32 -40.40 -9.43 10.23
N TYR A 33 -39.92 -9.88 11.38
CA TYR A 33 -38.50 -9.93 11.66
C TYR A 33 -37.79 -10.88 10.69
N HIS A 34 -38.36 -12.06 10.46
CA HIS A 34 -37.76 -13.04 9.58
C HIS A 34 -37.82 -12.59 8.12
N LEU A 35 -38.85 -11.82 7.77
CA LEU A 35 -38.95 -11.27 6.41
C LEU A 35 -37.83 -10.26 6.17
N ALA A 36 -37.60 -9.41 7.16
CA ALA A 36 -36.50 -8.44 7.09
C ALA A 36 -35.18 -9.16 6.88
N GLN A 37 -35.03 -10.30 7.55
CA GLN A 37 -33.83 -11.11 7.41
C GLN A 37 -33.78 -11.80 6.05
N GLU A 38 -34.92 -12.30 5.59
CA GLU A 38 -34.97 -13.02 4.31
C GLU A 38 -34.62 -12.08 3.16
N TYR A 39 -35.21 -10.90 3.15
CA TYR A 39 -34.93 -9.92 2.10
C TYR A 39 -33.44 -9.56 2.06
N ARG A 40 -32.85 -9.39 3.24
CA ARG A 40 -31.43 -9.08 3.35
C ARG A 40 -30.57 -10.24 2.86
N ASP A 41 -30.81 -11.42 3.43
CA ASP A 41 -29.98 -12.58 3.15
C ASP A 41 -30.09 -13.03 1.69
N HIS A 42 -31.22 -12.71 1.07
CA HIS A 42 -31.42 -13.04 -0.34
C HIS A 42 -30.67 -12.06 -1.23
N ALA A 43 -30.56 -10.81 -0.79
CA ALA A 43 -29.77 -9.82 -1.49
C ALA A 43 -28.30 -10.22 -1.47
N TYR A 44 -27.84 -10.73 -0.33
CA TYR A 44 -26.46 -11.22 -0.20
C TYR A 44 -26.23 -12.40 -1.14
N SER A 45 -27.27 -13.22 -1.32
CA SER A 45 -27.14 -14.45 -2.09
C SER A 45 -26.93 -14.17 -3.58
N ILE A 46 -27.36 -13.01 -4.03
CA ILE A 46 -27.23 -12.61 -5.44
C ILE A 46 -26.30 -11.41 -5.61
N ALA A 47 -25.56 -11.08 -4.56
CA ALA A 47 -24.72 -9.88 -4.55
C ALA A 47 -23.61 -9.95 -5.58
N ASN A 48 -23.23 -11.16 -5.98
CA ASN A 48 -22.17 -11.35 -6.98
C ASN A 48 -22.72 -11.51 -8.40
N LYS A 49 -24.00 -11.21 -8.58
CA LYS A 49 -24.67 -11.44 -9.86
C LYS A 49 -25.26 -10.15 -10.45
N ILE A 50 -24.82 -9.00 -9.96
CA ILE A 50 -25.30 -7.73 -10.49
C ILE A 50 -24.47 -7.33 -11.70
N GLY A 51 -25.08 -7.44 -12.89
CA GLY A 51 -24.41 -7.13 -14.14
C GLY A 51 -25.10 -6.04 -14.94
N SER A 52 -26.14 -5.45 -14.36
CA SER A 52 -26.88 -4.38 -15.04
C SER A 52 -27.63 -3.50 -14.05
N GLU A 53 -28.23 -2.43 -14.56
CA GLU A 53 -29.01 -1.53 -13.73
C GLU A 53 -30.20 -2.26 -13.12
N GLU A 54 -30.83 -3.11 -13.91
CA GLU A 54 -31.97 -3.90 -13.46
C GLU A 54 -31.62 -4.69 -12.21
N GLY A 55 -30.50 -5.39 -12.24
CA GLY A 55 -30.07 -6.20 -11.12
C GLY A 55 -29.74 -5.35 -9.91
N LEU A 56 -29.21 -4.15 -10.17
CA LEU A 56 -28.86 -3.22 -9.10
C LEU A 56 -30.12 -2.71 -8.41
N LYS A 57 -31.17 -2.48 -9.19
CA LYS A 57 -32.46 -2.05 -8.66
C LYS A 57 -33.09 -3.14 -7.81
N GLN A 58 -32.97 -4.38 -8.25
CA GLN A 58 -33.51 -5.51 -7.53
C GLN A 58 -32.75 -5.75 -6.23
N TYR A 59 -31.43 -5.66 -6.30
CA TYR A 59 -30.60 -5.84 -5.12
C TYR A 59 -30.96 -4.83 -4.04
N TYR A 60 -31.03 -3.57 -4.42
CA TYR A 60 -31.34 -2.51 -3.47
C TYR A 60 -32.83 -2.47 -3.16
N GLY A 61 -33.64 -3.03 -4.05
CA GLY A 61 -35.06 -3.20 -3.78
C GLY A 61 -35.25 -4.11 -2.59
N LEU A 62 -34.45 -5.17 -2.53
CA LEU A 62 -34.50 -6.11 -1.42
C LEU A 62 -34.01 -5.45 -0.13
N MET A 63 -32.91 -4.72 -0.22
CA MET A 63 -32.34 -4.05 0.95
C MET A 63 -33.30 -2.99 1.49
N ASN A 64 -33.97 -2.30 0.57
CA ASN A 64 -34.97 -1.30 0.94
C ASN A 64 -36.07 -1.94 1.77
N MET A 65 -36.63 -3.03 1.25
CA MET A 65 -37.66 -3.77 1.96
C MET A 65 -37.18 -4.25 3.33
N SER A 66 -35.97 -4.79 3.37
CA SER A 66 -35.41 -5.28 4.64
C SER A 66 -35.36 -4.16 5.68
N ILE A 67 -34.85 -3.02 5.27
CA ILE A 67 -34.74 -1.86 6.16
C ILE A 67 -36.11 -1.40 6.61
N GLN A 68 -37.05 -1.32 5.67
CA GLN A 68 -38.39 -0.83 5.97
C GLN A 68 -39.12 -1.77 6.93
N MET A 69 -38.85 -3.07 6.79
CA MET A 69 -39.45 -4.06 7.68
C MET A 69 -38.87 -3.93 9.09
N PHE A 70 -37.56 -3.66 9.17
CA PHE A 70 -36.92 -3.40 10.45
C PHE A 70 -37.51 -2.13 11.10
N GLN A 71 -37.65 -1.08 10.30
CA GLN A 71 -38.21 0.17 10.78
C GLN A 71 -39.64 -0.04 11.27
N LEU A 72 -40.32 -0.95 10.61
CA LEU A 72 -41.69 -1.31 10.98
C LEU A 72 -41.75 -1.82 12.41
N LEU A 73 -40.77 -2.65 12.78
CA LEU A 73 -40.69 -3.20 14.12
C LEU A 73 -40.46 -2.11 15.16
N LYS A 74 -39.54 -1.19 14.86
CA LYS A 74 -39.17 -0.15 15.81
C LYS A 74 -40.28 0.89 16.04
N THR A 75 -41.14 1.07 15.05
CA THR A 75 -42.13 2.15 15.09
C THR A 75 -43.54 1.67 15.45
N LYS A 76 -43.85 0.42 15.17
CA LYS A 76 -45.20 -0.11 15.33
C LYS A 76 -45.31 -1.15 16.43
N CYS A 77 -44.18 -1.50 17.05
CA CYS A 77 -44.17 -2.51 18.11
C CYS A 77 -43.50 -2.01 19.37
N THR A 78 -43.83 -2.65 20.49
CA THR A 78 -43.16 -2.41 21.75
C THR A 78 -42.07 -3.47 21.94
N LEU A 79 -40.84 -3.10 21.62
CA LEU A 79 -39.71 -4.02 21.73
C LEU A 79 -39.04 -3.90 23.08
N SER A 80 -38.57 -5.03 23.60
CA SER A 80 -37.74 -5.03 24.81
C SER A 80 -36.38 -4.45 24.46
N VAL A 81 -35.56 -4.19 25.46
CA VAL A 81 -34.25 -3.60 25.24
C VAL A 81 -33.37 -4.50 24.37
N LEU A 82 -33.44 -5.81 24.61
CA LEU A 82 -32.64 -6.75 23.84
C LEU A 82 -33.14 -6.87 22.40
N GLU A 83 -34.46 -6.93 22.25
CA GLU A 83 -35.06 -6.98 20.93
C GLU A 83 -34.75 -5.70 20.17
N ASP A 84 -34.88 -4.57 20.84
CA ASP A 84 -34.61 -3.28 20.23
C ASP A 84 -33.14 -3.20 19.81
N SER A 85 -32.27 -3.72 20.65
CA SER A 85 -30.83 -3.75 20.36
C SER A 85 -30.54 -4.55 19.08
N LYS A 86 -31.05 -5.77 19.03
CA LYS A 86 -30.79 -6.68 17.91
C LYS A 86 -31.31 -6.11 16.61
N VAL A 87 -32.58 -5.69 16.62
CA VAL A 87 -33.22 -5.12 15.44
C VAL A 87 -32.49 -3.88 14.94
N THR A 88 -32.15 -2.99 15.86
CA THR A 88 -31.49 -1.74 15.51
C THR A 88 -30.12 -2.00 14.89
N PHE A 89 -29.37 -2.93 15.49
CA PHE A 89 -28.04 -3.26 15.00
C PHE A 89 -28.09 -3.85 13.58
N GLU A 90 -28.99 -4.80 13.35
CA GLU A 90 -29.13 -5.40 12.03
C GLU A 90 -29.55 -4.36 11.00
N MET A 91 -30.51 -3.52 11.38
CA MET A 91 -30.98 -2.46 10.50
C MET A 91 -29.87 -1.47 10.17
N VAL A 92 -29.22 -0.95 11.22
CA VAL A 92 -28.19 0.07 11.06
C VAL A 92 -27.00 -0.50 10.27
N GLU A 93 -26.75 -1.79 10.43
CA GLU A 93 -25.70 -2.47 9.68
C GLU A 93 -25.93 -2.27 8.19
N LEU A 94 -27.20 -2.29 7.77
CA LEU A 94 -27.55 -2.11 6.37
C LEU A 94 -27.46 -0.65 5.95
N LEU A 95 -27.85 0.26 6.84
CA LEU A 95 -27.75 1.68 6.56
C LEU A 95 -26.28 2.05 6.31
N ILE A 96 -25.40 1.46 7.09
CA ILE A 96 -23.98 1.74 7.02
C ILE A 96 -23.33 1.16 5.76
N GLN A 97 -23.76 -0.05 5.39
CA GLN A 97 -23.11 -0.78 4.29
C GLN A 97 -23.79 -0.58 2.94
N GLU A 98 -25.05 -0.17 2.94
CA GLU A 98 -25.84 -0.11 1.70
C GLU A 98 -26.22 1.31 1.29
N THR A 99 -26.16 2.25 2.23
CA THR A 99 -26.66 3.61 1.99
C THR A 99 -25.65 4.70 2.38
N TYR A 100 -26.04 5.95 2.15
CA TYR A 100 -25.28 7.11 2.60
C TYR A 100 -25.97 7.80 3.78
N ASN A 101 -27.00 7.16 4.32
CA ASN A 101 -27.78 7.73 5.41
C ASN A 101 -27.09 7.50 6.76
N PHE A 102 -25.97 8.18 6.94
CA PHE A 102 -25.13 8.02 8.11
C PHE A 102 -25.71 8.75 9.33
N ASP A 103 -26.25 9.94 9.10
CA ASP A 103 -26.90 10.70 10.17
C ASP A 103 -28.08 9.92 10.74
N LEU A 104 -28.84 9.28 9.87
CA LEU A 104 -29.99 8.48 10.27
C LEU A 104 -29.53 7.31 11.13
N ALA A 105 -28.49 6.63 10.68
CA ALA A 105 -27.92 5.51 11.42
C ALA A 105 -27.48 5.97 12.81
N GLU A 106 -26.82 7.13 12.85
CA GLU A 106 -26.30 7.67 14.09
C GLU A 106 -27.41 8.00 15.08
N LEU A 107 -28.54 8.47 14.57
CA LEU A 107 -29.69 8.80 15.42
C LEU A 107 -30.27 7.55 16.06
N TYR A 108 -30.33 6.46 15.29
CA TYR A 108 -30.85 5.20 15.80
C TYR A 108 -29.96 4.65 16.92
N ILE A 109 -28.65 4.67 16.70
CA ILE A 109 -27.71 4.14 17.67
C ILE A 109 -27.68 5.02 18.92
N SER A 110 -27.68 6.34 18.72
CA SER A 110 -27.69 7.27 19.84
C SER A 110 -28.94 7.09 20.69
N SER A 111 -30.09 6.92 20.02
CA SER A 111 -31.34 6.66 20.70
C SER A 111 -31.27 5.35 21.48
N LEU A 112 -30.76 4.32 20.82
CA LEU A 112 -30.62 3.01 21.45
C LEU A 112 -29.74 3.09 22.68
N LYS A 113 -28.62 3.78 22.55
CA LYS A 113 -27.66 3.93 23.64
C LYS A 113 -28.33 4.52 24.88
N GLU A 114 -29.06 5.62 24.70
CA GLU A 114 -29.71 6.30 25.81
C GLU A 114 -30.77 5.41 26.47
N ARG A 115 -31.45 4.60 25.66
CA ARG A 115 -32.46 3.70 26.20
C ARG A 115 -31.81 2.59 27.03
N LEU A 116 -30.70 2.05 26.51
CA LEU A 116 -29.97 1.00 27.21
C LEU A 116 -29.46 1.49 28.56
N GLN A 117 -28.98 2.72 28.59
CA GLN A 117 -28.45 3.30 29.82
C GLN A 117 -29.53 3.41 30.90
N THR A 118 -30.78 3.57 30.46
CA THR A 118 -31.90 3.67 31.39
C THR A 118 -32.17 2.35 32.12
N HIS A 119 -31.82 1.24 31.48
CA HIS A 119 -32.08 -0.09 32.02
C HIS A 119 -30.81 -0.79 32.50
N GLN A 120 -29.66 -0.16 32.27
CA GLN A 120 -28.37 -0.78 32.52
C GLN A 120 -28.20 -1.26 33.97
N SER A 121 -28.87 -0.59 34.89
CA SER A 121 -28.72 -0.90 36.31
C SER A 121 -29.27 -2.29 36.67
N ASP A 122 -30.43 -2.62 36.12
CA ASP A 122 -31.14 -3.86 36.46
C ASP A 122 -31.15 -4.87 35.33
N THR A 123 -30.33 -4.64 34.30
CA THR A 123 -30.29 -5.51 33.13
C THR A 123 -28.91 -5.53 32.49
N ASP A 124 -28.40 -6.72 32.21
CA ASP A 124 -27.07 -6.87 31.60
C ASP A 124 -27.07 -6.36 30.17
N LEU A 125 -26.53 -5.16 29.98
CA LEU A 125 -26.59 -4.48 28.69
C LEU A 125 -25.26 -3.87 28.27
N VAL A 126 -24.19 -4.22 28.98
CA VAL A 126 -22.87 -3.69 28.67
C VAL A 126 -22.47 -4.02 27.24
N GLU A 127 -22.64 -5.27 26.84
CA GLU A 127 -22.30 -5.70 25.48
C GLU A 127 -22.95 -4.82 24.43
N GLU A 128 -24.24 -4.55 24.61
CA GLU A 128 -25.01 -3.74 23.68
C GLU A 128 -24.52 -2.29 23.66
N ILE A 129 -24.25 -1.74 24.83
CA ILE A 129 -23.79 -0.36 24.94
C ILE A 129 -22.44 -0.19 24.25
N MET A 130 -21.54 -1.15 24.45
CA MET A 130 -20.22 -1.07 23.86
C MET A 130 -20.29 -1.20 22.34
N ARG A 131 -21.27 -1.94 21.84
CA ARG A 131 -21.44 -2.07 20.41
C ARG A 131 -21.98 -0.77 19.83
N CYS A 132 -22.85 -0.10 20.59
CA CYS A 132 -23.33 1.22 20.21
C CYS A 132 -22.15 2.17 20.04
N GLU A 133 -21.20 2.10 20.97
CA GLU A 133 -20.02 2.97 20.94
C GLU A 133 -19.12 2.61 19.77
N PHE A 134 -19.02 1.32 19.46
CA PHE A 134 -18.20 0.87 18.36
C PHE A 134 -18.77 1.37 17.03
N LEU A 135 -20.09 1.26 16.88
CA LEU A 135 -20.73 1.78 15.69
C LEU A 135 -20.55 3.29 15.59
N LEU A 136 -20.68 3.97 16.73
CA LEU A 136 -20.60 5.43 16.77
C LEU A 136 -19.19 5.97 16.53
N LEU A 137 -18.18 5.24 17.00
CA LEU A 137 -16.82 5.74 17.03
C LEU A 137 -15.92 5.10 15.97
N HIS A 138 -16.29 3.92 15.49
CA HIS A 138 -15.48 3.19 14.53
C HIS A 138 -16.18 3.02 13.17
N ASP A 139 -17.30 2.32 13.15
CA ASP A 139 -17.95 1.99 11.89
C ASP A 139 -18.47 3.22 11.15
N LEU A 140 -19.22 4.07 11.82
CA LEU A 140 -19.85 5.22 11.16
C LEU A 140 -18.82 6.23 10.66
N PRO A 141 -17.85 6.62 11.50
CA PRO A 141 -16.83 7.56 11.03
C PRO A 141 -16.02 7.03 9.84
N LEU A 142 -15.68 5.74 9.86
CA LEU A 142 -14.88 5.16 8.78
C LEU A 142 -15.64 5.15 7.46
N MET A 143 -16.94 4.83 7.51
CA MET A 143 -17.77 4.83 6.30
C MET A 143 -17.99 6.25 5.82
N ARG A 144 -18.23 7.16 6.75
CA ARG A 144 -18.33 8.58 6.42
C ARG A 144 -17.09 9.05 5.68
N ASP A 145 -15.93 8.70 6.24
CA ASP A 145 -14.64 9.13 5.71
C ASP A 145 -14.59 10.66 5.58
N SER A 146 -15.03 11.34 6.65
CA SER A 146 -15.05 12.80 6.71
C SER A 146 -14.15 13.29 7.83
N LYS A 147 -13.29 14.26 7.52
CA LYS A 147 -12.34 14.79 8.50
C LYS A 147 -13.07 15.38 9.69
N PHE A 148 -14.14 16.13 9.42
CA PHE A 148 -14.94 16.76 10.46
C PHE A 148 -15.46 15.75 11.47
N HIS A 149 -16.00 14.64 10.97
CA HIS A 149 -16.58 13.62 11.83
C HIS A 149 -15.50 12.75 12.47
N TYR A 150 -14.34 12.65 11.83
CA TYR A 150 -13.22 11.93 12.41
C TYR A 150 -12.73 12.62 13.68
N LYS A 151 -12.74 13.95 13.67
CA LYS A 151 -12.30 14.73 14.82
C LYS A 151 -13.27 14.58 15.99
N ILE A 152 -14.56 14.58 15.68
CA ILE A 152 -15.59 14.37 16.70
C ILE A 152 -15.43 12.98 17.30
N ALA A 153 -15.24 11.99 16.43
CA ALA A 153 -15.10 10.61 16.86
C ALA A 153 -13.87 10.43 17.76
N LEU A 154 -12.74 10.99 17.33
CA LEU A 154 -11.50 10.86 18.09
C LEU A 154 -11.62 11.54 19.45
N ARG A 155 -12.26 12.71 19.47
CA ARG A 155 -12.47 13.45 20.70
C ARG A 155 -13.31 12.63 21.68
N ASN A 156 -14.44 12.12 21.20
CA ASN A 156 -15.35 11.33 22.03
C ASN A 156 -14.75 9.99 22.41
N CYS A 157 -13.95 9.43 21.52
CA CYS A 157 -13.33 8.14 21.76
C CYS A 157 -12.32 8.23 22.91
N ASN A 158 -11.49 9.28 22.90
CA ASN A 158 -10.54 9.49 23.98
C ASN A 158 -11.25 9.73 25.29
N GLU A 159 -12.37 10.43 25.24
CA GLU A 159 -13.19 10.67 26.43
C GLU A 159 -13.70 9.35 27.00
N LEU A 160 -14.13 8.47 26.10
CA LEU A 160 -14.66 7.17 26.49
C LEU A 160 -13.58 6.31 27.15
N VAL A 161 -12.39 6.27 26.55
CA VAL A 161 -11.28 5.49 27.06
C VAL A 161 -10.87 5.96 28.45
N GLN A 162 -10.77 7.29 28.61
CA GLN A 162 -10.40 7.88 29.88
C GLN A 162 -11.37 7.45 30.99
N TYR A 163 -12.65 7.39 30.65
CA TYR A 163 -13.67 7.04 31.62
C TYR A 163 -13.59 5.56 31.99
N MET A 164 -13.26 4.72 31.03
CA MET A 164 -13.28 3.27 31.24
C MET A 164 -12.04 2.74 31.96
N VAL A 165 -10.88 3.34 31.70
CA VAL A 165 -9.67 2.92 32.40
C VAL A 165 -9.79 3.18 33.90
N ASN A 166 -10.68 4.08 34.28
CA ASN A 166 -10.91 4.38 35.70
C ASN A 166 -11.77 3.34 36.39
N LEU A 167 -12.32 2.41 35.62
CA LEU A 167 -13.05 1.28 36.18
C LEU A 167 -12.10 0.11 36.38
N GLN A 168 -12.01 -0.40 37.61
CA GLN A 168 -11.05 -1.46 37.91
C GLN A 168 -11.48 -2.80 37.34
N ASP A 169 -12.69 -2.86 36.78
CA ASP A 169 -13.25 -4.12 36.29
C ASP A 169 -12.57 -4.57 35.00
N GLU A 170 -12.24 -5.86 34.95
CA GLU A 170 -11.49 -6.43 33.85
C GLU A 170 -12.20 -6.29 32.51
N LEU A 171 -13.53 -6.35 32.54
CA LEU A 171 -14.32 -6.21 31.32
C LEU A 171 -14.12 -4.84 30.70
N TYR A 172 -14.26 -3.80 31.52
CA TYR A 172 -14.11 -2.43 31.05
C TYR A 172 -12.67 -2.09 30.68
N GLN A 173 -11.72 -2.76 31.32
CA GLN A 173 -10.31 -2.59 31.01
C GLN A 173 -10.00 -3.11 29.61
N ASN A 174 -10.55 -4.28 29.28
CA ASN A 174 -10.38 -4.85 27.95
C ASN A 174 -11.12 -4.04 26.90
N TRP A 175 -12.34 -3.64 27.21
CA TRP A 175 -13.10 -2.79 26.30
C TRP A 175 -12.36 -1.47 26.04
N ALA A 176 -11.72 -0.95 27.08
CA ALA A 176 -10.96 0.30 26.94
C ALA A 176 -9.82 0.11 25.96
N SER A 177 -9.27 -1.10 25.92
CA SER A 177 -8.20 -1.43 24.98
C SER A 177 -8.71 -1.44 23.54
N VAL A 178 -9.91 -1.98 23.34
CA VAL A 178 -10.54 -2.00 22.04
C VAL A 178 -10.72 -0.57 21.52
N PHE A 179 -11.16 0.32 22.39
CA PHE A 179 -11.46 1.68 21.95
C PHE A 179 -10.20 2.55 21.88
N GLN A 180 -9.14 2.14 22.57
CA GLN A 180 -7.84 2.75 22.34
C GLN A 180 -7.43 2.47 20.91
N TYR A 181 -7.67 1.24 20.47
CA TYR A 181 -7.37 0.83 19.10
C TYR A 181 -8.22 1.58 18.09
N VAL A 182 -9.49 1.83 18.45
CA VAL A 182 -10.36 2.62 17.60
C VAL A 182 -9.80 4.03 17.45
N GLY A 183 -9.34 4.60 18.57
CA GLY A 183 -8.73 5.92 18.57
C GLY A 183 -7.54 5.99 17.64
N VAL A 184 -6.67 4.98 17.70
CA VAL A 184 -5.51 4.90 16.82
C VAL A 184 -5.96 4.95 15.36
N MET A 185 -6.95 4.14 15.02
CA MET A 185 -7.43 4.08 13.64
C MET A 185 -7.98 5.43 13.20
N LEU A 186 -8.55 6.18 14.14
CA LEU A 186 -9.07 7.51 13.84
C LEU A 186 -7.92 8.49 13.63
N CYS A 187 -6.84 8.32 14.39
CA CYS A 187 -5.67 9.16 14.22
C CYS A 187 -5.02 8.92 12.85
N ILE A 188 -4.97 7.66 12.42
CA ILE A 188 -4.41 7.33 11.12
C ILE A 188 -5.18 8.05 10.01
N LYS A 189 -6.51 7.97 10.06
CA LYS A 189 -7.35 8.61 9.06
C LYS A 189 -7.18 10.13 9.07
N LEU A 190 -6.89 10.69 10.24
CA LEU A 190 -6.67 12.13 10.36
C LEU A 190 -5.22 12.51 10.05
N LYS A 191 -4.40 11.50 9.76
CA LYS A 191 -3.00 11.71 9.39
C LYS A 191 -2.24 12.44 10.49
N GLN A 192 -2.47 12.03 11.74
CA GLN A 192 -1.75 12.57 12.88
C GLN A 192 -0.66 11.58 13.29
N HIS A 193 0.37 11.52 12.45
CA HIS A 193 1.35 10.44 12.51
C HIS A 193 2.10 10.36 13.83
N ARG A 194 2.40 11.50 14.44
CA ARG A 194 3.06 11.51 15.74
C ARG A 194 2.13 10.95 16.80
N ARG A 195 0.86 11.34 16.76
CA ARG A 195 -0.14 10.80 17.69
C ARG A 195 -0.36 9.30 17.49
N VAL A 196 -0.33 8.85 16.24
CA VAL A 196 -0.55 7.44 15.93
C VAL A 196 0.52 6.60 16.65
N LYS A 197 1.78 6.96 16.43
CA LYS A 197 2.91 6.24 17.02
C LYS A 197 2.83 6.25 18.54
N THR A 198 2.50 7.41 19.10
CA THR A 198 2.35 7.56 20.54
C THR A 198 1.21 6.68 21.06
N SER A 199 0.11 6.65 20.31
CA SER A 199 -1.06 5.89 20.73
C SER A 199 -0.82 4.39 20.59
N PHE A 200 -0.16 3.98 19.51
CA PHE A 200 0.17 2.58 19.31
C PHE A 200 1.04 2.08 20.46
N HIS A 201 2.08 2.84 20.78
CA HIS A 201 3.01 2.47 21.85
C HIS A 201 2.28 2.37 23.19
N GLY A 202 1.48 3.38 23.52
CA GLY A 202 0.72 3.37 24.76
C GLY A 202 -0.28 2.23 24.78
N LEU A 203 -0.88 1.97 23.63
CA LEU A 203 -1.83 0.87 23.49
C LEU A 203 -1.13 -0.48 23.71
N LEU A 204 -0.06 -0.71 22.95
CA LEU A 204 0.66 -1.98 23.00
C LEU A 204 1.23 -2.27 24.38
N SER A 205 1.73 -1.24 25.04
CA SER A 205 2.41 -1.41 26.33
C SER A 205 1.46 -1.95 27.41
N GLN A 206 0.16 -1.75 27.23
CA GLN A 206 -0.83 -2.14 28.21
C GLN A 206 -1.42 -3.52 27.92
N CYS A 207 -1.14 -4.06 26.74
CA CYS A 207 -1.64 -5.37 26.36
C CYS A 207 -0.84 -6.50 27.01
N ARG A 208 -1.53 -7.60 27.29
CA ARG A 208 -0.89 -8.81 27.80
C ARG A 208 0.12 -9.31 26.78
N GLU A 209 1.34 -9.58 27.23
CA GLU A 209 2.41 -10.00 26.34
C GLU A 209 2.14 -11.41 25.80
N LYS A 210 2.55 -11.64 24.55
CA LYS A 210 2.37 -12.93 23.87
C LYS A 210 0.91 -13.34 23.79
N SER A 211 0.03 -12.34 23.63
CA SER A 211 -1.39 -12.58 23.42
C SER A 211 -1.74 -12.32 21.96
N GLN A 212 -2.79 -12.99 21.48
CA GLN A 212 -3.26 -12.81 20.12
C GLN A 212 -3.62 -11.35 19.86
N TRP A 213 -4.19 -10.72 20.88
CA TRP A 213 -4.63 -9.33 20.79
C TRP A 213 -3.45 -8.38 20.58
N LYS A 214 -2.40 -8.54 21.38
CA LYS A 214 -1.23 -7.66 21.25
C LYS A 214 -0.54 -7.84 19.91
N TRP A 215 -0.33 -9.10 19.52
CA TRP A 215 0.32 -9.41 18.26
C TRP A 215 -0.50 -8.92 17.08
N PHE A 216 -1.82 -8.93 17.21
CA PHE A 216 -2.68 -8.37 16.18
C PHE A 216 -2.45 -6.86 16.05
N LEU A 217 -2.46 -6.17 17.18
CA LEU A 217 -2.25 -4.73 17.19
C LEU A 217 -0.89 -4.36 16.65
N ASN A 218 0.11 -5.19 16.93
CA ASN A 218 1.46 -4.93 16.46
C ASN A 218 1.54 -5.08 14.95
N LEU A 219 0.74 -5.99 14.39
CA LEU A 219 0.67 -6.15 12.95
C LEU A 219 0.04 -4.92 12.32
N CYS A 220 -1.00 -4.38 12.95
CA CYS A 220 -1.61 -3.13 12.51
C CYS A 220 -0.57 -2.03 12.52
N TYR A 221 0.25 -2.02 13.56
CA TYR A 221 1.29 -1.02 13.73
C TYR A 221 2.30 -1.09 12.60
N VAL A 222 2.88 -2.27 12.40
CA VAL A 222 3.90 -2.47 11.37
C VAL A 222 3.35 -2.10 9.99
N ASN A 223 2.14 -2.56 9.70
CA ASN A 223 1.52 -2.28 8.40
C ASN A 223 1.33 -0.79 8.19
N TYR A 224 0.88 -0.09 9.22
CA TYR A 224 0.74 1.36 9.16
C TYR A 224 2.08 2.03 8.83
N LEU A 225 3.13 1.60 9.52
CA LEU A 225 4.46 2.18 9.33
C LEU A 225 4.96 1.92 7.90
N LEU A 226 4.73 0.71 7.40
CA LEU A 226 5.14 0.37 6.05
C LEU A 226 4.36 1.17 5.00
N ASN A 227 3.07 1.39 5.26
CA ASN A 227 2.24 2.19 4.37
C ASN A 227 2.77 3.62 4.25
N GLU A 228 3.35 4.13 5.34
CA GLU A 228 3.90 5.48 5.38
C GLU A 228 5.40 5.48 5.13
N ARG A 229 5.98 4.28 4.98
CA ARG A 229 7.43 4.11 4.84
C ARG A 229 8.17 4.74 6.00
N PHE A 230 7.57 4.75 7.18
CA PHE A 230 8.26 5.18 8.38
C PHE A 230 9.21 4.09 8.85
N PRO A 231 10.34 4.49 9.46
CA PRO A 231 11.21 3.48 10.09
C PRO A 231 10.46 2.68 11.14
N ILE A 232 10.65 1.36 11.14
CA ILE A 232 10.00 0.51 12.13
C ILE A 232 10.90 0.37 13.36
N PRO A 233 10.37 0.76 14.54
CA PRO A 233 11.17 0.59 15.78
C PRO A 233 11.57 -0.85 16.02
N GLU A 234 12.68 -1.04 16.72
CA GLU A 234 13.25 -2.38 16.93
C GLU A 234 12.29 -3.29 17.69
N ASP A 235 11.63 -2.75 18.71
CA ASP A 235 10.73 -3.55 19.54
C ASP A 235 9.54 -4.07 18.74
N ALA A 236 9.03 -3.24 17.83
CA ALA A 236 7.94 -3.65 16.95
C ALA A 236 8.42 -4.76 16.00
N LEU A 237 9.67 -4.65 15.57
CA LEU A 237 10.27 -5.64 14.69
C LEU A 237 10.42 -6.97 15.41
N GLN A 238 10.92 -6.93 16.63
CA GLN A 238 11.08 -8.15 17.43
C GLN A 238 9.71 -8.73 17.79
N GLU A 239 8.75 -7.85 18.04
CA GLU A 239 7.39 -8.27 18.36
C GLU A 239 6.78 -8.99 17.17
N LEU A 240 7.08 -8.49 15.97
CA LEU A 240 6.61 -9.10 14.74
C LEU A 240 7.21 -10.50 14.56
N ARG A 241 8.51 -10.62 14.79
CA ARG A 241 9.20 -11.89 14.60
C ARG A 241 8.78 -12.94 15.63
N SER A 242 8.40 -12.49 16.81
CA SER A 242 8.03 -13.39 17.90
C SER A 242 6.59 -13.89 17.78
N THR A 243 5.83 -13.32 16.85
CA THR A 243 4.43 -13.69 16.64
C THR A 243 4.29 -15.20 16.43
N GLU A 244 3.50 -15.83 17.29
CA GLU A 244 3.34 -17.28 17.27
C GLU A 244 2.08 -17.71 16.52
N LEU A 245 2.26 -18.63 15.58
CA LEU A 245 1.19 -19.13 14.74
C LEU A 245 0.03 -19.73 15.54
N HIS A 246 0.36 -20.54 16.54
CA HIS A 246 -0.63 -21.29 17.28
C HIS A 246 -1.36 -20.44 18.32
N THR A 247 -0.84 -19.24 18.60
CA THR A 247 -1.50 -18.30 19.48
C THR A 247 -2.38 -17.35 18.67
N VAL A 248 -1.90 -17.00 17.48
CA VAL A 248 -2.52 -15.95 16.68
C VAL A 248 -3.45 -16.51 15.61
N GLY A 249 -3.24 -17.77 15.24
CA GLY A 249 -4.04 -18.41 14.20
C GLY A 249 -3.42 -18.24 12.82
N PRO A 250 -3.79 -19.14 11.89
CA PRO A 250 -3.18 -19.15 10.54
C PRO A 250 -3.48 -17.90 9.71
N GLU A 251 -4.64 -17.28 9.91
CA GLU A 251 -4.98 -16.08 9.16
C GLU A 251 -4.05 -14.93 9.50
N LEU A 252 -3.94 -14.61 10.78
CA LEU A 252 -3.12 -13.49 11.22
C LEU A 252 -1.63 -13.77 10.99
N TYR A 253 -1.24 -15.04 11.04
CA TYR A 253 0.16 -15.39 10.82
C TYR A 253 0.53 -15.19 9.34
N ALA A 254 -0.42 -15.44 8.44
CA ALA A 254 -0.21 -15.18 7.02
C ALA A 254 0.07 -13.70 6.82
N TRP A 255 -0.61 -12.87 7.61
CA TRP A 255 -0.43 -11.42 7.56
C TRP A 255 0.96 -11.06 8.07
N LYS A 256 1.41 -11.75 9.11
CA LYS A 256 2.74 -11.55 9.64
C LYS A 256 3.78 -11.86 8.56
N LEU A 257 3.63 -13.00 7.90
CA LEU A 257 4.55 -13.42 6.86
C LEU A 257 4.55 -12.44 5.69
N ALA A 258 3.37 -11.97 5.32
CA ALA A 258 3.25 -11.00 4.23
C ALA A 258 3.99 -9.72 4.57
N LEU A 259 3.83 -9.25 5.80
CA LEU A 259 4.47 -8.01 6.22
C LEU A 259 5.99 -8.17 6.26
N GLU A 260 6.47 -9.35 6.62
CA GLU A 260 7.89 -9.62 6.64
C GLU A 260 8.45 -9.59 5.21
N MET A 261 7.64 -10.00 4.25
CA MET A 261 8.01 -9.94 2.85
C MET A 261 8.11 -8.49 2.38
N VAL A 262 7.13 -7.67 2.75
CA VAL A 262 7.13 -6.27 2.37
C VAL A 262 8.32 -5.53 2.98
N ILE A 263 8.68 -5.91 4.21
CA ILE A 263 9.82 -5.28 4.88
C ILE A 263 11.08 -5.55 4.08
N GLN A 264 11.28 -6.79 3.65
CA GLN A 264 12.45 -7.15 2.84
C GLN A 264 12.43 -6.41 1.51
N LEU A 265 11.24 -6.26 0.95
CA LEU A 265 11.07 -5.56 -0.33
C LEU A 265 11.47 -4.10 -0.19
N CYS A 266 11.03 -3.47 0.89
CA CYS A 266 11.26 -2.05 1.11
C CYS A 266 12.74 -1.75 1.39
N LYS A 267 13.44 -2.72 1.98
CA LYS A 267 14.87 -2.56 2.26
C LYS A 267 15.73 -3.25 1.19
N ASP A 268 15.08 -3.77 0.17
CA ASP A 268 15.76 -4.54 -0.88
C ASP A 268 16.65 -5.62 -0.28
N GLY A 269 16.12 -6.36 0.68
CA GLY A 269 16.82 -7.47 1.27
C GLY A 269 16.52 -8.76 0.52
N ASN A 270 17.18 -9.84 0.94
CA ASN A 270 16.95 -11.14 0.33
C ASN A 270 15.68 -11.80 0.88
N ILE A 271 14.87 -12.36 -0.01
CA ILE A 271 13.58 -12.93 0.37
C ILE A 271 13.56 -14.46 0.37
N THR A 272 14.71 -15.08 0.15
CA THR A 272 14.79 -16.54 0.05
C THR A 272 14.28 -17.21 1.33
N ASP A 273 14.79 -16.76 2.47
CA ASP A 273 14.36 -17.31 3.75
C ASP A 273 12.86 -17.08 3.95
N HIS A 274 12.41 -15.87 3.66
CA HIS A 274 11.02 -15.48 3.86
C HIS A 274 10.09 -16.22 2.90
N LEU A 275 10.62 -16.57 1.72
CA LEU A 275 9.87 -17.38 0.78
C LEU A 275 9.70 -18.79 1.32
N ASN A 276 10.76 -19.33 1.90
CA ASN A 276 10.73 -20.68 2.44
C ASN A 276 9.78 -20.80 3.62
N GLU A 277 9.64 -19.73 4.40
CA GLU A 277 8.72 -19.71 5.52
C GLU A 277 7.28 -19.80 5.03
N PHE A 278 6.96 -19.05 3.98
CA PHE A 278 5.64 -19.11 3.37
C PHE A 278 5.37 -20.50 2.81
N LYS A 279 6.39 -21.09 2.20
CA LYS A 279 6.30 -22.43 1.65
C LYS A 279 5.93 -23.45 2.72
N ASN A 280 6.65 -23.43 3.83
CA ASN A 280 6.38 -24.33 4.94
C ASN A 280 5.00 -24.05 5.54
N PHE A 281 4.66 -22.77 5.64
CA PHE A 281 3.36 -22.36 6.16
C PHE A 281 2.22 -22.93 5.33
N PHE A 282 2.33 -22.80 4.00
CA PHE A 282 1.31 -23.30 3.10
C PHE A 282 1.18 -24.82 3.18
N ASP A 283 2.30 -25.51 3.31
CA ASP A 283 2.31 -26.96 3.36
C ASP A 283 1.49 -27.49 4.54
N THR A 284 1.45 -26.73 5.63
CA THR A 284 0.86 -27.20 6.88
C THR A 284 -0.43 -26.49 7.26
N ASN A 285 -0.69 -25.33 6.66
CA ASN A 285 -1.82 -24.50 7.03
C ASN A 285 -2.72 -24.09 5.86
N LYS A 286 -2.44 -24.63 4.68
CA LYS A 286 -3.28 -24.38 3.51
C LYS A 286 -4.72 -24.77 3.80
N GLN A 287 -4.92 -25.99 4.27
CA GLN A 287 -6.26 -26.51 4.55
C GLN A 287 -6.99 -25.64 5.55
N SER A 288 -6.28 -25.12 6.54
CA SER A 288 -6.88 -24.27 7.56
C SER A 288 -7.47 -23.00 6.93
N LEU A 289 -6.75 -22.42 5.99
CA LEU A 289 -7.20 -21.21 5.33
C LEU A 289 -8.38 -21.47 4.40
N VAL A 290 -8.35 -22.63 3.75
CA VAL A 290 -9.39 -22.99 2.78
C VAL A 290 -10.71 -23.33 3.50
N THR A 291 -10.63 -24.12 4.56
CA THR A 291 -11.82 -24.51 5.31
C THR A 291 -12.39 -23.34 6.09
N ASN A 292 -11.54 -22.39 6.44
CA ASN A 292 -11.93 -21.22 7.21
C ASN A 292 -12.32 -20.04 6.32
N GLU A 293 -12.20 -20.23 5.01
CA GLU A 293 -12.46 -19.15 4.06
C GLU A 293 -13.87 -18.58 4.20
N GLY A 294 -13.94 -17.27 4.41
CA GLY A 294 -15.21 -16.57 4.52
C GLY A 294 -15.55 -16.20 5.95
N LYS A 295 -15.24 -17.10 6.89
CA LYS A 295 -15.61 -16.90 8.28
C LYS A 295 -14.70 -15.91 8.99
N GLY A 296 -13.65 -15.45 8.31
CA GLY A 296 -12.77 -14.44 8.87
C GLY A 296 -11.97 -14.92 10.07
N CYS A 297 -11.40 -13.97 10.80
CA CYS A 297 -10.62 -14.27 11.99
C CYS A 297 -11.27 -13.65 13.23
N VAL A 298 -11.61 -14.48 14.20
CA VAL A 298 -12.24 -14.01 15.44
C VAL A 298 -11.24 -13.96 16.58
N ILE A 299 -10.97 -12.75 17.06
CA ILE A 299 -10.09 -12.55 18.22
C ILE A 299 -10.93 -12.46 19.49
N LYS A 300 -10.90 -13.51 20.29
CA LYS A 300 -11.61 -13.53 21.56
C LYS A 300 -10.76 -12.85 22.64
N ILE A 301 -10.90 -11.54 22.74
CA ILE A 301 -10.18 -10.75 23.73
C ILE A 301 -10.58 -11.18 25.14
N MET A 302 -11.89 -11.28 25.34
CA MET A 302 -12.44 -11.70 26.63
C MET A 302 -13.70 -12.49 26.37
N PRO A 303 -14.17 -13.24 27.38
CA PRO A 303 -15.53 -13.74 27.30
C PRO A 303 -16.50 -12.58 27.10
N ARG A 304 -17.26 -12.62 26.01
CA ARG A 304 -18.20 -11.56 25.64
C ARG A 304 -17.47 -10.32 25.13
N ILE A 305 -16.24 -10.51 24.66
CA ILE A 305 -15.55 -9.50 23.87
C ILE A 305 -14.80 -10.18 22.73
N ALA A 306 -15.46 -10.29 21.58
CA ALA A 306 -14.90 -10.95 20.42
C ALA A 306 -14.86 -10.00 19.22
N LEU A 307 -13.67 -9.84 18.64
CA LEU A 307 -13.49 -9.01 17.46
C LEU A 307 -13.27 -9.88 16.23
N LYS A 308 -14.08 -9.63 15.19
CA LYS A 308 -13.92 -10.33 13.92
C LYS A 308 -13.05 -9.51 12.98
N VAL A 309 -12.01 -10.15 12.43
CA VAL A 309 -11.08 -9.49 11.51
C VAL A 309 -11.18 -10.13 10.12
N GLU A 310 -11.36 -9.28 9.11
CA GLU A 310 -11.45 -9.73 7.72
C GLU A 310 -10.35 -9.09 6.88
N LEU A 311 -9.54 -9.93 6.25
CA LEU A 311 -8.51 -9.51 5.31
C LEU A 311 -8.49 -10.52 4.16
N PRO A 312 -9.48 -10.42 3.25
CA PRO A 312 -9.68 -11.49 2.26
C PRO A 312 -8.49 -11.72 1.32
N MET A 313 -7.68 -10.69 1.07
CA MET A 313 -6.50 -10.86 0.21
C MET A 313 -5.43 -11.70 0.88
N ILE A 314 -5.44 -11.71 2.21
CA ILE A 314 -4.42 -12.37 3.00
C ILE A 314 -4.95 -13.65 3.67
N PHE A 315 -6.23 -13.66 3.99
CA PHE A 315 -6.84 -14.77 4.72
C PHE A 315 -7.30 -15.89 3.80
N HIS A 316 -7.52 -15.58 2.54
CA HIS A 316 -7.89 -16.59 1.54
C HIS A 316 -6.65 -17.12 0.82
N TYR A 317 -6.56 -18.44 0.71
CA TYR A 317 -5.36 -19.10 0.20
C TYR A 317 -4.98 -18.66 -1.22
N LYS A 318 -5.94 -18.68 -2.14
CA LYS A 318 -5.67 -18.30 -3.52
C LYS A 318 -5.25 -16.84 -3.62
N GLU A 319 -5.97 -15.97 -2.91
CA GLU A 319 -5.66 -14.54 -2.93
C GLU A 319 -4.27 -14.29 -2.35
N LEU A 320 -3.91 -15.04 -1.33
CA LEU A 320 -2.64 -14.84 -0.64
C LEU A 320 -1.46 -15.18 -1.53
N LYS A 321 -1.52 -16.33 -2.19
CA LYS A 321 -0.44 -16.73 -3.09
C LYS A 321 -0.31 -15.73 -4.23
N ASN A 322 -1.43 -15.22 -4.70
CA ASN A 322 -1.45 -14.21 -5.75
C ASN A 322 -0.67 -12.96 -5.32
N ILE A 323 -0.90 -12.53 -4.09
CA ILE A 323 -0.19 -11.38 -3.52
C ILE A 323 1.31 -11.70 -3.39
N LEU A 324 1.62 -12.87 -2.86
CA LEU A 324 3.00 -13.27 -2.65
C LEU A 324 3.76 -13.34 -3.97
N LEU A 325 3.09 -13.79 -5.01
CA LEU A 325 3.72 -13.90 -6.32
C LEU A 325 4.00 -12.50 -6.87
N LEU A 326 3.11 -11.55 -6.58
CA LEU A 326 3.31 -10.18 -7.00
C LEU A 326 4.53 -9.58 -6.30
N LEU A 327 4.58 -9.73 -4.98
CA LEU A 327 5.70 -9.19 -4.20
C LEU A 327 7.02 -9.79 -4.65
N GLN A 328 7.04 -11.09 -4.89
CA GLN A 328 8.25 -11.77 -5.34
C GLN A 328 8.70 -11.21 -6.68
N SER A 329 7.75 -10.97 -7.57
CA SER A 329 8.05 -10.47 -8.92
C SER A 329 8.56 -9.05 -8.88
N VAL A 330 7.95 -8.22 -8.04
CA VAL A 330 8.37 -6.83 -7.88
C VAL A 330 9.80 -6.78 -7.35
N SER A 331 10.13 -7.71 -6.45
CA SER A 331 11.45 -7.75 -5.85
C SER A 331 12.53 -8.07 -6.88
N TYR A 332 12.14 -8.71 -7.98
CA TYR A 332 13.09 -9.11 -9.01
C TYR A 332 13.18 -8.12 -10.17
N ILE A 333 12.34 -7.10 -10.17
CA ILE A 333 12.30 -6.14 -11.28
C ILE A 333 13.68 -5.53 -11.52
N VAL A 334 14.33 -5.07 -10.45
CA VAL A 334 15.60 -4.38 -10.57
C VAL A 334 16.66 -5.27 -11.19
N ASN A 335 16.55 -6.58 -10.98
CA ASN A 335 17.48 -7.52 -11.57
C ASN A 335 17.38 -7.49 -13.11
N CYS A 336 16.14 -7.50 -13.60
CA CYS A 336 15.83 -7.10 -14.99
C CYS A 336 16.28 -8.07 -16.09
N TYR A 337 17.59 -8.18 -16.30
CA TYR A 337 18.11 -8.86 -17.49
C TYR A 337 18.48 -10.33 -17.24
N ASP A 338 18.67 -10.68 -15.96
CA ASP A 338 19.12 -12.02 -15.59
C ASP A 338 17.94 -12.96 -15.33
N GLU A 339 18.22 -14.11 -14.72
CA GLU A 339 17.20 -15.12 -14.45
C GLU A 339 16.09 -14.57 -13.54
N LYS A 340 16.48 -13.74 -12.56
CA LYS A 340 15.51 -13.13 -11.67
C LYS A 340 14.55 -12.23 -12.43
N GLY A 341 15.09 -11.44 -13.35
CA GLY A 341 14.28 -10.57 -14.18
C GLY A 341 13.32 -11.37 -15.04
N ASN A 342 13.80 -12.47 -15.62
CA ASN A 342 12.98 -13.34 -16.44
C ASN A 342 11.78 -13.89 -15.66
N PHE A 343 11.97 -14.12 -14.36
CA PHE A 343 10.88 -14.56 -13.50
C PHE A 343 9.74 -13.57 -13.53
N SER A 344 10.07 -12.28 -13.40
CA SER A 344 9.07 -11.22 -13.39
C SER A 344 8.30 -11.17 -14.70
N ARG A 345 9.02 -11.15 -15.82
CA ARG A 345 8.40 -11.11 -17.14
C ARG A 345 7.49 -12.31 -17.37
N LYS A 346 7.74 -13.40 -16.64
CA LYS A 346 6.96 -14.62 -16.81
C LYS A 346 5.75 -14.67 -15.90
N PHE A 347 5.88 -14.21 -14.66
CA PHE A 347 4.88 -14.46 -13.64
C PHE A 347 4.01 -13.25 -13.28
N LEU A 348 4.40 -12.06 -13.72
CA LEU A 348 3.50 -10.91 -13.62
C LEU A 348 2.26 -11.15 -14.49
N PRO A 349 2.46 -11.69 -15.71
CA PRO A 349 1.30 -12.13 -16.50
C PRO A 349 0.43 -13.16 -15.77
N LYS A 350 1.04 -14.03 -14.96
CA LYS A 350 0.27 -15.02 -14.21
C LYS A 350 -0.54 -14.34 -13.12
N VAL A 351 0.07 -13.40 -12.40
CA VAL A 351 -0.62 -12.60 -11.41
C VAL A 351 -1.79 -11.88 -12.05
N TYR A 352 -1.55 -11.34 -13.25
CA TYR A 352 -2.58 -10.63 -13.99
C TYR A 352 -3.75 -11.55 -14.31
N SER A 353 -3.47 -12.69 -14.94
CA SER A 353 -4.51 -13.63 -15.33
C SER A 353 -5.23 -14.24 -14.12
N THR A 354 -4.48 -14.55 -13.07
CA THR A 354 -5.08 -15.07 -11.84
C THR A 354 -6.07 -14.06 -11.28
N THR A 355 -5.65 -12.81 -11.24
CA THR A 355 -6.47 -11.72 -10.72
C THR A 355 -7.74 -11.55 -11.54
N GLN A 356 -7.61 -11.67 -12.86
CA GLN A 356 -8.78 -11.59 -13.73
C GLN A 356 -9.82 -12.65 -13.37
N LYS A 357 -9.34 -13.85 -13.06
CA LYS A 357 -10.22 -14.96 -12.69
C LYS A 357 -10.84 -14.74 -11.32
N LEU A 358 -10.09 -14.13 -10.40
CA LEU A 358 -10.61 -13.83 -9.07
C LEU A 358 -11.76 -12.84 -9.17
N ILE A 359 -11.63 -11.87 -10.06
CA ILE A 359 -12.71 -10.93 -10.34
C ILE A 359 -13.90 -11.65 -10.94
N LYS A 360 -13.64 -12.45 -11.96
CA LYS A 360 -14.69 -13.15 -12.69
C LYS A 360 -15.45 -14.14 -11.79
N ASN A 361 -14.72 -14.87 -10.95
CA ASN A 361 -15.32 -15.92 -10.13
C ASN A 361 -15.61 -15.48 -8.70
N ILE A 362 -15.76 -14.18 -8.49
CA ILE A 362 -16.05 -13.67 -7.15
C ILE A 362 -17.42 -14.18 -6.70
N ALA A 363 -17.50 -14.62 -5.46
CA ALA A 363 -18.68 -15.32 -4.96
C ALA A 363 -19.37 -14.60 -3.80
N ALA A 364 -20.61 -15.00 -3.55
CA ALA A 364 -21.27 -14.73 -2.28
C ALA A 364 -20.87 -15.87 -1.35
N GLY A 365 -20.98 -15.71 -0.04
CA GLY A 365 -21.54 -14.54 0.62
C GLY A 365 -21.32 -14.76 2.10
N GLY A 366 -22.20 -14.29 2.99
CA GLY A 366 -23.29 -13.37 2.68
C GLY A 366 -22.84 -11.98 3.05
N VAL A 367 -22.22 -11.31 2.09
CA VAL A 367 -21.68 -9.97 2.30
C VAL A 367 -22.30 -8.99 1.32
N SER A 368 -22.24 -7.72 1.67
CA SER A 368 -22.81 -6.68 0.82
C SER A 368 -22.20 -6.72 -0.57
N MET A 369 -23.01 -6.39 -1.56
CA MET A 369 -22.52 -6.18 -2.91
C MET A 369 -21.37 -5.18 -2.88
N ASN A 370 -21.49 -4.20 -1.98
CA ASN A 370 -20.50 -3.13 -1.88
C ASN A 370 -19.17 -3.61 -1.30
N GLU A 371 -19.21 -4.69 -0.52
CA GLU A 371 -17.99 -5.34 -0.06
C GLU A 371 -17.29 -6.00 -1.24
N LEU A 372 -18.07 -6.71 -2.06
CA LEU A 372 -17.52 -7.34 -3.25
C LEU A 372 -17.00 -6.27 -4.21
N ASP A 373 -17.68 -5.13 -4.24
CA ASP A 373 -17.29 -4.02 -5.10
C ASP A 373 -15.90 -3.51 -4.73
N SER A 374 -15.64 -3.38 -3.43
CA SER A 374 -14.36 -2.87 -2.96
C SER A 374 -13.25 -3.89 -3.22
N ARG A 375 -13.58 -5.17 -3.11
CA ARG A 375 -12.62 -6.23 -3.37
C ARG A 375 -12.23 -6.24 -4.84
N ILE A 376 -13.19 -5.97 -5.71
CA ILE A 376 -12.94 -5.90 -7.15
C ILE A 376 -12.06 -4.70 -7.46
N GLN A 377 -12.27 -3.61 -6.74
CA GLN A 377 -11.49 -2.40 -6.94
C GLN A 377 -10.03 -2.63 -6.60
N THR A 378 -9.79 -3.41 -5.55
CA THR A 378 -8.44 -3.80 -5.15
C THR A 378 -7.83 -4.75 -6.18
N TYR A 379 -8.65 -5.66 -6.69
CA TYR A 379 -8.22 -6.57 -7.74
C TYR A 379 -7.77 -5.78 -8.96
N LYS A 380 -8.49 -4.72 -9.29
CA LYS A 380 -8.17 -3.90 -10.45
C LYS A 380 -6.85 -3.15 -10.24
N SER A 381 -6.57 -2.78 -8.99
CA SER A 381 -5.33 -2.11 -8.67
C SER A 381 -4.15 -3.07 -8.88
N ILE A 382 -4.38 -4.34 -8.57
CA ILE A 382 -3.36 -5.36 -8.80
C ILE A 382 -3.07 -5.48 -10.29
N LEU A 383 -4.12 -5.46 -11.10
CA LEU A 383 -3.94 -5.46 -12.55
C LEU A 383 -3.10 -4.25 -12.97
N GLU A 384 -3.35 -3.12 -12.33
CA GLU A 384 -2.64 -1.88 -12.65
C GLU A 384 -1.17 -1.98 -12.22
N PHE A 385 -0.91 -2.69 -11.12
CA PHE A 385 0.46 -2.92 -10.68
C PHE A 385 1.21 -3.79 -11.68
N CYS A 386 0.54 -4.80 -12.23
CA CYS A 386 1.15 -5.72 -13.18
C CYS A 386 1.62 -4.99 -14.43
N GLU A 387 0.79 -4.10 -14.92
CA GLU A 387 1.09 -3.32 -16.08
C GLU A 387 2.17 -2.33 -15.82
N PHE A 388 2.11 -1.72 -14.67
CA PHE A 388 3.09 -0.69 -14.31
C PHE A 388 4.49 -1.28 -14.23
N TYR A 389 4.62 -2.40 -13.54
CA TYR A 389 5.93 -3.03 -13.34
C TYR A 389 6.42 -3.71 -14.62
N LYS A 390 5.51 -4.04 -15.51
CA LYS A 390 5.88 -4.55 -16.83
C LYS A 390 6.60 -3.45 -17.59
N VAL A 391 6.00 -2.26 -17.61
CA VAL A 391 6.59 -1.10 -18.25
C VAL A 391 7.89 -0.72 -17.56
N TRP A 392 7.93 -0.78 -16.24
CA TRP A 392 9.12 -0.38 -15.51
C TRP A 392 10.29 -1.31 -15.82
N GLU A 393 10.03 -2.62 -15.85
CA GLU A 393 11.10 -3.57 -16.11
C GLU A 393 11.62 -3.42 -17.53
N GLN A 394 10.73 -3.11 -18.46
CA GLN A 394 11.12 -2.88 -19.85
C GLN A 394 11.99 -1.62 -19.97
N THR A 395 11.64 -0.59 -19.20
CA THR A 395 12.39 0.65 -19.20
C THR A 395 13.81 0.41 -18.70
N LEU A 396 13.93 -0.39 -17.64
CA LEU A 396 15.24 -0.77 -17.12
C LEU A 396 16.03 -1.55 -18.16
N LEU A 397 15.35 -2.45 -18.87
CA LEU A 397 15.99 -3.34 -19.82
C LEU A 397 16.43 -2.60 -21.08
N LYS A 398 15.58 -1.72 -21.58
CA LYS A 398 15.78 -1.11 -22.91
C LYS A 398 16.33 0.32 -22.85
N GLY A 399 16.15 0.99 -21.72
CA GLY A 399 16.58 2.37 -21.60
C GLY A 399 15.69 3.30 -22.39
N ALA A 400 14.38 3.05 -22.34
CA ALA A 400 13.38 3.87 -23.01
C ALA A 400 12.03 3.63 -22.37
N VAL A 401 11.11 4.57 -22.56
CA VAL A 401 9.74 4.45 -22.03
C VAL A 401 8.73 4.43 -23.17
N VAL A 402 7.96 3.35 -23.26
CA VAL A 402 6.92 3.20 -24.28
C VAL A 402 5.65 2.61 -23.67
N LEU A 409 -1.87 2.59 -16.36
CA LEU A 409 -1.40 2.05 -15.08
C LEU A 409 -1.89 2.96 -13.95
N GLY A 410 -1.06 3.90 -13.51
CA GLY A 410 -1.38 4.76 -12.38
C GLY A 410 -1.96 4.03 -11.17
N PRO A 411 -1.31 2.94 -10.73
CA PRO A 411 -1.82 2.25 -9.54
C PRO A 411 -1.57 3.06 -8.26
N SER A 412 -0.50 3.85 -8.25
CA SER A 412 -0.17 4.71 -7.12
C SER A 412 -0.05 6.16 -7.59
N PRO A 413 -0.20 7.12 -6.67
CA PRO A 413 -0.11 8.54 -7.03
C PRO A 413 1.26 8.94 -7.57
N GLY A 414 1.28 9.51 -8.78
CA GLY A 414 2.50 10.03 -9.35
C GLY A 414 3.24 9.07 -10.27
N TYR A 415 2.74 7.85 -10.39
CA TYR A 415 3.42 6.83 -11.20
C TYR A 415 3.40 7.16 -12.70
N VAL A 416 2.25 7.64 -13.19
CA VAL A 416 2.10 7.94 -14.61
C VAL A 416 3.01 9.08 -15.04
N ARG A 417 2.99 10.17 -14.29
CA ARG A 417 3.80 11.34 -14.64
C ARG A 417 5.27 11.15 -14.27
N LEU A 418 5.56 10.15 -13.45
CA LEU A 418 6.94 9.77 -13.20
C LEU A 418 7.52 9.13 -14.45
N LEU A 419 6.79 8.17 -15.00
CA LEU A 419 7.20 7.51 -16.24
C LEU A 419 7.28 8.51 -17.38
N GLN A 420 6.42 9.53 -17.34
CA GLN A 420 6.44 10.57 -18.35
C GLN A 420 7.66 11.48 -18.17
N ALA A 421 8.01 11.76 -16.93
CA ALA A 421 9.16 12.59 -16.62
C ALA A 421 10.44 11.90 -17.06
N MET A 422 10.52 10.59 -16.79
CA MET A 422 11.67 9.79 -17.19
C MET A 422 11.79 9.75 -18.71
N LYS A 423 10.64 9.76 -19.39
CA LYS A 423 10.62 9.74 -20.84
C LYS A 423 11.25 11.02 -21.38
N VAL A 424 10.96 12.14 -20.73
CA VAL A 424 11.53 13.42 -21.14
C VAL A 424 13.03 13.43 -20.89
N GLN A 425 13.45 12.91 -19.73
CA GLN A 425 14.87 12.88 -19.40
C GLN A 425 15.64 12.00 -20.38
N PHE A 426 15.07 10.85 -20.70
CA PHE A 426 15.65 9.96 -21.71
C PHE A 426 15.88 10.68 -23.04
N GLU A 427 14.97 11.58 -23.37
CA GLU A 427 15.04 12.33 -24.62
C GLU A 427 15.91 13.57 -24.51
N GLY A 428 16.72 13.64 -23.47
CA GLY A 428 17.62 14.76 -23.27
C GLY A 428 16.90 16.06 -22.97
N GLY A 429 15.62 15.96 -22.62
CA GLY A 429 14.83 17.13 -22.30
C GLY A 429 15.08 17.65 -20.89
N GLY A 430 15.92 16.94 -20.13
CA GLY A 430 16.25 17.34 -18.78
C GLY A 430 15.16 16.98 -17.79
N ALA A 431 13.94 17.43 -18.08
CA ALA A 431 12.76 17.09 -17.29
C ALA A 431 12.84 17.64 -15.87
N VAL A 432 13.57 18.74 -15.69
CA VAL A 432 13.66 19.38 -14.38
C VAL A 432 12.27 19.83 -13.92
N GLU A 433 11.55 20.51 -14.80
CA GLU A 433 10.23 21.03 -14.47
C GLU A 433 9.23 19.90 -14.19
N GLU A 434 9.40 18.78 -14.88
CA GLU A 434 8.51 17.64 -14.71
C GLU A 434 8.76 17.01 -13.34
N TYR A 435 10.03 16.78 -13.05
CA TYR A 435 10.45 16.19 -11.78
C TYR A 435 10.11 17.12 -10.62
N THR A 436 10.34 18.42 -10.81
CA THR A 436 10.10 19.40 -9.77
C THR A 436 8.62 19.44 -9.38
N ARG A 437 7.75 19.48 -10.38
CA ARG A 437 6.31 19.52 -10.15
C ARG A 437 5.83 18.25 -9.47
N LEU A 438 6.46 17.12 -9.80
CA LEU A 438 6.06 15.85 -9.23
C LEU A 438 6.51 15.76 -7.78
N ALA A 439 7.69 16.32 -7.49
CA ALA A 439 8.23 16.31 -6.14
C ALA A 439 7.49 17.29 -5.23
N GLN A 440 6.67 18.16 -5.83
CA GLN A 440 5.99 19.21 -5.09
C GLN A 440 4.53 18.88 -4.81
N SER A 441 3.95 17.96 -5.59
CA SER A 441 2.54 17.60 -5.43
C SER A 441 2.32 16.87 -4.11
N GLY A 442 1.20 17.17 -3.46
CA GLY A 442 0.93 16.68 -2.11
C GLY A 442 0.44 15.25 -2.02
N GLY A 443 -0.09 14.73 -3.12
CA GLY A 443 -0.69 13.40 -3.12
C GLY A 443 0.31 12.27 -3.33
N THR A 444 1.52 12.62 -3.72
CA THR A 444 2.52 11.62 -4.07
C THR A 444 3.34 11.15 -2.87
N SER A 445 3.66 9.87 -2.86
CA SER A 445 4.48 9.29 -1.79
C SER A 445 5.86 9.91 -1.78
N SER A 446 6.53 9.84 -0.63
CA SER A 446 7.86 10.41 -0.48
C SER A 446 8.86 9.70 -1.38
N GLU A 447 8.64 8.40 -1.60
CA GLU A 447 9.52 7.60 -2.45
C GLU A 447 9.57 8.16 -3.87
N VAL A 448 8.40 8.48 -4.42
CA VAL A 448 8.30 9.05 -5.75
C VAL A 448 8.92 10.45 -5.77
N LYS A 449 8.61 11.23 -4.74
CA LYS A 449 9.17 12.57 -4.60
C LYS A 449 10.69 12.51 -4.63
N MET A 450 11.25 11.51 -3.96
CA MET A 450 12.69 11.41 -3.82
C MET A 450 13.36 10.91 -5.10
N ILE A 451 12.72 9.99 -5.80
CA ILE A 451 13.20 9.56 -7.11
C ILE A 451 13.24 10.78 -8.03
N SER A 452 12.19 11.61 -7.95
CA SER A 452 12.11 12.81 -8.76
C SER A 452 13.22 13.80 -8.40
N LEU A 453 13.51 13.93 -7.10
CA LEU A 453 14.52 14.86 -6.64
C LEU A 453 15.93 14.40 -7.00
N LEU A 454 16.15 13.09 -6.96
CA LEU A 454 17.46 12.52 -7.24
C LEU A 454 17.78 12.62 -8.74
N ASN A 455 16.81 12.29 -9.58
CA ASN A 455 16.97 12.48 -11.01
C ASN A 455 17.17 13.95 -11.33
N CYS A 456 16.43 14.81 -10.64
CA CYS A 456 16.53 16.24 -10.83
C CYS A 456 17.92 16.74 -10.43
N TYR A 457 18.46 16.18 -9.36
CA TYR A 457 19.79 16.54 -8.90
C TYR A 457 20.84 16.11 -9.90
N THR A 458 20.68 14.89 -10.42
CA THR A 458 21.60 14.32 -11.40
C THR A 458 21.68 15.19 -12.64
N VAL A 459 20.51 15.61 -13.14
CA VAL A 459 20.44 16.49 -14.30
C VAL A 459 21.14 17.82 -14.03
N GLN A 460 20.80 18.44 -12.91
CA GLN A 460 21.36 19.74 -12.57
C GLN A 460 22.87 19.65 -12.34
N ALA A 461 23.32 18.55 -11.74
CA ALA A 461 24.73 18.34 -11.48
C ALA A 461 25.49 18.12 -12.78
N ALA A 462 24.84 17.43 -13.72
CA ALA A 462 25.41 17.20 -15.04
C ALA A 462 25.57 18.53 -15.77
N ARG A 463 24.62 19.44 -15.56
CA ARG A 463 24.65 20.74 -16.21
C ARG A 463 25.70 21.65 -15.59
N VAL A 464 25.86 21.57 -14.27
CA VAL A 464 26.93 22.30 -13.59
C VAL A 464 28.27 21.92 -14.20
N SER A 465 28.40 20.65 -14.57
CA SER A 465 29.64 20.14 -15.11
C SER A 465 29.94 20.67 -16.52
N ARG A 466 28.95 20.67 -17.39
CA ARG A 466 29.17 20.99 -18.80
C ARG A 466 28.87 22.44 -19.16
N CYS A 467 28.06 23.13 -18.35
CA CYS A 467 27.69 24.51 -18.66
C CYS A 467 28.82 25.47 -18.32
N SER A 468 28.88 26.59 -19.05
CA SER A 468 29.90 27.61 -18.82
C SER A 468 29.72 28.26 -17.47
N GLY A 469 30.69 29.08 -17.08
CA GLY A 469 30.68 29.73 -15.78
C GLY A 469 29.54 30.71 -15.60
N ASP A 470 28.88 31.09 -16.69
CA ASP A 470 27.80 32.06 -16.63
C ASP A 470 26.56 31.50 -15.95
N LYS A 471 26.10 30.34 -16.41
CA LYS A 471 24.89 29.72 -15.87
C LYS A 471 25.23 28.88 -14.65
N GLN A 472 26.50 28.89 -14.27
CA GLN A 472 26.96 28.11 -13.12
C GLN A 472 26.30 28.58 -11.84
N GLY A 473 26.03 29.88 -11.76
CA GLY A 473 25.41 30.47 -10.59
C GLY A 473 24.01 29.96 -10.34
N GLU A 474 23.22 29.87 -11.41
CA GLU A 474 21.84 29.42 -11.30
C GLU A 474 21.72 27.91 -11.12
N LEU A 475 22.81 27.20 -11.41
CA LEU A 475 22.79 25.74 -11.39
C LEU A 475 23.26 25.14 -10.06
N VAL A 476 24.20 25.80 -9.38
CA VAL A 476 24.76 25.24 -8.16
C VAL A 476 23.81 25.40 -6.97
N GLU A 477 23.21 26.58 -6.83
CA GLU A 477 22.18 26.82 -5.82
C GLU A 477 21.07 25.78 -5.94
N GLN A 478 20.64 25.50 -7.16
CA GLN A 478 19.59 24.51 -7.38
C GLN A 478 20.04 23.13 -6.94
N CYS A 479 21.31 22.80 -7.18
CA CYS A 479 21.87 21.54 -6.71
C CYS A 479 21.81 21.48 -5.18
N ASN A 480 22.26 22.56 -4.53
CA ASN A 480 22.26 22.62 -3.08
C ASN A 480 20.82 22.60 -2.52
N LYS A 481 19.93 23.31 -3.20
CA LYS A 481 18.52 23.33 -2.82
C LYS A 481 17.90 21.94 -2.90
N VAL A 482 18.00 21.33 -4.09
CA VAL A 482 17.44 20.00 -4.32
C VAL A 482 18.04 18.97 -3.37
N TRP A 483 19.32 19.11 -3.06
CA TRP A 483 20.00 18.13 -2.23
C TRP A 483 19.48 18.13 -0.80
N LEU A 484 19.30 19.32 -0.23
CA LEU A 484 18.78 19.43 1.13
C LEU A 484 17.39 18.81 1.23
N GLN A 485 16.61 18.94 0.16
CA GLN A 485 15.28 18.34 0.10
C GLN A 485 15.38 16.82 0.12
N VAL A 486 16.39 16.28 -0.55
CA VAL A 486 16.62 14.83 -0.56
C VAL A 486 16.98 14.33 0.83
N GLU A 487 17.85 15.06 1.50
CA GLU A 487 18.29 14.68 2.85
C GLU A 487 17.14 14.72 3.84
N LYS A 488 16.28 15.73 3.71
CA LYS A 488 15.18 15.93 4.64
C LYS A 488 14.16 14.78 4.54
N LEU A 489 13.77 14.44 3.32
CA LEU A 489 12.80 13.37 3.11
C LEU A 489 13.39 12.02 3.46
N LEU A 490 14.65 11.81 3.12
CA LEU A 490 15.31 10.54 3.37
C LEU A 490 15.36 10.23 4.86
N GLN A 491 15.51 11.29 5.66
CA GLN A 491 15.74 11.14 7.09
C GLN A 491 14.47 10.74 7.85
N GLU A 492 13.32 10.91 7.21
CA GLU A 492 12.04 10.58 7.83
C GLU A 492 11.35 9.39 7.14
N THR A 493 12.12 8.65 6.35
CA THR A 493 11.62 7.42 5.71
C THR A 493 12.55 6.25 6.04
N ASP A 494 12.10 5.04 5.74
CA ASP A 494 12.91 3.84 6.00
C ASP A 494 13.95 3.63 4.89
N LEU A 495 13.89 4.47 3.86
CA LEU A 495 14.82 4.37 2.74
C LEU A 495 16.25 4.65 3.17
N GLN A 496 16.40 5.37 4.28
CA GLN A 496 17.73 5.67 4.81
C GLN A 496 18.43 4.39 5.26
N PHE A 497 17.66 3.32 5.42
CA PHE A 497 18.19 2.02 5.80
C PHE A 497 18.21 1.06 4.62
N ASN A 498 17.92 1.59 3.43
CA ASN A 498 17.97 0.81 2.19
C ASN A 498 19.33 1.03 1.51
N PRO A 499 20.14 -0.03 1.38
CA PRO A 499 21.51 0.13 0.86
C PRO A 499 21.55 0.66 -0.57
N ILE A 500 20.63 0.24 -1.42
CA ILE A 500 20.55 0.77 -2.78
C ILE A 500 20.38 2.27 -2.75
N TRP A 501 19.50 2.74 -1.88
CA TRP A 501 19.22 4.17 -1.77
C TRP A 501 20.39 4.92 -1.13
N GLU A 502 20.92 4.36 -0.04
CA GLU A 502 22.04 4.99 0.65
C GLU A 502 23.27 5.08 -0.24
N CYS A 503 23.47 4.06 -1.06
CA CYS A 503 24.62 4.02 -1.96
C CYS A 503 24.44 5.03 -3.08
N THR A 504 23.21 5.15 -3.57
CA THR A 504 22.92 6.11 -4.64
C THR A 504 23.24 7.52 -4.17
N VAL A 505 22.88 7.84 -2.93
CA VAL A 505 23.14 9.15 -2.35
C VAL A 505 24.65 9.41 -2.31
N THR A 506 25.40 8.44 -1.80
CA THR A 506 26.85 8.55 -1.71
C THR A 506 27.49 8.75 -3.09
N ILE A 507 27.09 7.90 -4.03
CA ILE A 507 27.60 7.94 -5.40
C ILE A 507 27.36 9.30 -6.04
N LEU A 508 26.15 9.81 -5.91
CA LEU A 508 25.77 11.08 -6.54
C LEU A 508 26.50 12.25 -5.90
N TRP A 509 26.70 12.19 -4.59
CA TRP A 509 27.43 13.25 -3.88
C TRP A 509 28.89 13.28 -4.34
N LEU A 510 29.51 12.11 -4.38
CA LEU A 510 30.92 12.01 -4.76
C LEU A 510 31.12 12.38 -6.22
N PHE A 511 30.19 11.97 -7.08
CA PHE A 511 30.26 12.33 -8.49
C PHE A 511 30.21 13.85 -8.68
N SER A 512 29.46 14.53 -7.82
CA SER A 512 29.24 15.96 -7.96
C SER A 512 30.23 16.82 -7.18
N HIS A 513 31.09 16.17 -6.39
CA HIS A 513 32.04 16.90 -5.54
C HIS A 513 33.51 16.54 -5.80
N PHE A 514 33.75 15.65 -6.76
CA PHE A 514 35.11 15.18 -7.05
C PHE A 514 35.40 15.09 -8.55
N GLU A 515 36.56 15.61 -8.94
CA GLU A 515 37.11 15.29 -10.24
C GLU A 515 37.69 13.88 -10.14
N PRO A 516 37.74 13.13 -11.26
CA PRO A 516 37.34 13.50 -12.61
C PRO A 516 35.92 13.03 -12.95
N PHE A 517 35.05 13.03 -11.95
CA PHE A 517 33.66 12.60 -12.16
C PHE A 517 32.80 13.79 -12.58
N SER A 518 33.31 15.00 -12.33
CA SER A 518 32.68 16.23 -12.79
C SER A 518 33.75 17.23 -13.18
N TRP A 519 33.45 18.10 -14.14
CA TRP A 519 34.40 19.14 -14.54
C TRP A 519 34.39 20.30 -13.52
N ASN A 520 33.21 20.58 -12.97
CA ASN A 520 33.06 21.63 -11.97
C ASN A 520 32.44 21.10 -10.68
N PRO A 521 33.25 20.42 -9.85
CA PRO A 521 32.75 19.84 -8.60
C PRO A 521 32.27 20.90 -7.62
N LEU A 522 31.23 20.58 -6.87
CA LEU A 522 30.68 21.51 -5.89
C LEU A 522 31.60 21.66 -4.69
N PRO A 523 31.53 22.80 -3.98
CA PRO A 523 32.35 22.98 -2.77
C PRO A 523 31.96 22.02 -1.64
N CYS A 524 32.94 21.64 -0.83
CA CYS A 524 32.69 20.77 0.31
C CYS A 524 33.88 20.79 1.27
N SER A 525 33.60 20.60 2.56
CA SER A 525 34.64 20.57 3.58
C SER A 525 35.39 19.24 3.52
N ASP A 526 36.59 19.21 4.10
CA ASP A 526 37.39 18.00 4.13
C ASP A 526 36.71 16.93 4.98
N LYS A 527 35.89 17.36 5.93
CA LYS A 527 35.14 16.43 6.78
C LYS A 527 34.07 15.72 5.96
N GLN A 528 33.44 16.45 5.06
CA GLN A 528 32.39 15.91 4.20
C GLN A 528 32.95 14.88 3.23
N ARG A 529 34.13 15.17 2.68
CA ARG A 529 34.76 14.25 1.75
C ARG A 529 35.07 12.92 2.42
N ALA A 530 35.72 12.99 3.58
CA ALA A 530 36.07 11.79 4.34
C ALA A 530 34.82 11.01 4.73
N GLU A 531 33.75 11.75 5.05
CA GLU A 531 32.48 11.14 5.43
C GLU A 531 31.95 10.28 4.30
N TYR A 532 31.82 10.86 3.11
CA TYR A 532 31.25 10.15 1.97
C TYR A 532 32.21 9.11 1.40
N VAL A 533 33.50 9.41 1.42
CA VAL A 533 34.50 8.46 0.99
C VAL A 533 34.46 7.21 1.89
N SER A 534 34.18 7.44 3.17
CA SER A 534 34.08 6.34 4.13
C SER A 534 32.84 5.49 3.87
N LYS A 535 31.75 6.13 3.47
CA LYS A 535 30.53 5.40 3.10
C LYS A 535 30.78 4.57 1.85
N LEU A 536 31.50 5.15 0.90
CA LEU A 536 31.84 4.46 -0.33
C LEU A 536 32.63 3.19 -0.04
N ARG A 537 33.61 3.31 0.85
CA ARG A 537 34.48 2.19 1.19
C ARG A 537 33.67 1.00 1.71
N GLU A 538 32.61 1.29 2.45
CA GLU A 538 31.75 0.26 2.98
C GLU A 538 30.97 -0.44 1.88
N PHE A 539 30.38 0.33 0.98
CA PHE A 539 29.60 -0.22 -0.11
C PHE A 539 30.47 -0.94 -1.14
N TYR A 540 31.64 -0.37 -1.42
CA TYR A 540 32.52 -0.93 -2.45
C TYR A 540 33.18 -2.23 -1.99
N SER A 541 33.63 -2.28 -0.75
CA SER A 541 34.30 -3.46 -0.22
C SER A 541 33.32 -4.63 -0.10
N SER A 542 32.02 -4.30 -0.08
CA SER A 542 30.98 -5.30 0.07
C SER A 542 30.39 -5.73 -1.27
N ASN A 543 30.60 -4.92 -2.32
CA ASN A 543 29.99 -5.17 -3.62
C ASN A 543 30.99 -5.08 -4.78
N LYS A 544 32.27 -5.21 -4.48
CA LYS A 544 33.29 -5.21 -5.53
C LYS A 544 33.21 -6.48 -6.36
N PHE A 545 33.39 -6.36 -7.65
CA PHE A 545 33.44 -7.52 -8.49
C PHE A 545 34.57 -8.35 -7.92
N VAL A 546 34.23 -9.43 -7.23
CA VAL A 546 35.06 -10.06 -6.18
C VAL A 546 36.30 -9.29 -5.79
N ASN A 554 25.58 -8.96 6.39
CA ASN A 554 26.09 -7.75 5.77
C ASN A 554 25.02 -7.04 4.94
N ARG A 555 24.44 -5.97 5.49
CA ARG A 555 23.37 -5.25 4.82
C ARG A 555 23.90 -4.07 4.02
N PHE A 556 25.19 -4.08 3.73
CA PHE A 556 25.75 -3.18 2.71
C PHE A 556 25.61 -3.83 1.34
N LYS A 557 25.12 -5.06 1.33
CA LYS A 557 25.00 -5.84 0.10
C LYS A 557 23.95 -5.23 -0.82
N LEU A 558 24.35 -4.94 -2.05
CA LEU A 558 23.44 -4.40 -3.05
C LEU A 558 22.90 -5.50 -3.94
N LYS A 559 21.61 -5.45 -4.22
CA LYS A 559 21.04 -6.31 -5.24
C LYS A 559 21.73 -6.00 -6.56
N LYS A 560 21.69 -6.95 -7.49
CA LYS A 560 22.43 -6.81 -8.74
C LYS A 560 21.75 -5.82 -9.68
N ALA A 561 21.52 -4.60 -9.20
CA ALA A 561 21.09 -3.51 -10.06
C ALA A 561 22.26 -3.13 -10.95
N LEU A 562 22.11 -3.34 -12.25
CA LEU A 562 23.21 -3.20 -13.19
C LEU A 562 23.90 -1.85 -13.10
N LEU A 563 23.14 -0.77 -13.32
CA LEU A 563 23.72 0.56 -13.35
C LEU A 563 24.42 0.89 -12.04
N LEU A 564 23.78 0.52 -10.93
CA LEU A 564 24.33 0.80 -9.62
C LEU A 564 25.65 0.05 -9.41
N GLN A 565 25.65 -1.24 -9.73
CA GLN A 565 26.84 -2.07 -9.55
C GLN A 565 28.04 -1.52 -10.32
N ILE A 566 27.78 -1.01 -11.53
CA ILE A 566 28.85 -0.48 -12.37
C ILE A 566 29.40 0.82 -11.78
N LEU A 567 28.52 1.70 -11.33
CA LEU A 567 28.92 3.00 -10.82
C LEU A 567 29.72 2.88 -9.51
N VAL A 568 29.32 1.97 -8.63
CA VAL A 568 30.01 1.76 -7.37
C VAL A 568 31.41 1.21 -7.61
N ASN A 569 31.50 0.24 -8.52
CA ASN A 569 32.79 -0.34 -8.86
C ASN A 569 33.66 0.67 -9.62
N TYR A 570 33.04 1.45 -10.50
CA TYR A 570 33.75 2.51 -11.20
C TYR A 570 34.32 3.53 -10.23
N LEU A 571 33.47 3.96 -9.29
CA LEU A 571 33.85 4.96 -8.31
C LEU A 571 34.90 4.39 -7.35
N GLY A 572 34.66 3.18 -6.87
CA GLY A 572 35.60 2.50 -5.99
C GLY A 572 36.93 2.24 -6.68
N GLY A 573 36.86 1.79 -7.93
CA GLY A 573 38.06 1.51 -8.70
C GLY A 573 38.90 2.75 -8.94
N ARG A 574 38.24 3.88 -9.12
CA ARG A 574 38.92 5.15 -9.39
C ARG A 574 39.52 5.76 -8.13
N MET A 575 38.79 5.66 -7.01
CA MET A 575 39.16 6.36 -5.79
C MET A 575 39.92 5.50 -4.77
N LEU A 576 39.62 4.20 -4.74
CA LEU A 576 40.09 3.35 -3.65
C LEU A 576 41.16 2.33 -4.04
N GLU A 577 41.22 1.97 -5.33
CA GLU A 577 42.18 0.97 -5.79
C GLU A 577 43.49 1.62 -6.23
N HIS A 578 44.61 1.01 -5.85
CA HIS A 578 45.94 1.51 -6.20
C HIS A 578 46.66 0.55 -7.16
N ASP A 579 46.39 -0.74 -7.01
CA ASP A 579 47.07 -1.77 -7.79
C ASP A 579 46.59 -1.77 -9.24
N LEU A 580 47.54 -1.72 -10.18
CA LEU A 580 47.22 -1.67 -11.60
C LEU A 580 46.45 -2.90 -12.07
N GLY A 581 46.86 -4.07 -11.59
CA GLY A 581 46.21 -5.31 -11.98
C GLY A 581 44.75 -5.34 -11.55
N GLU A 582 44.48 -4.84 -10.35
CA GLU A 582 43.11 -4.78 -9.83
C GLU A 582 42.29 -3.74 -10.59
N ILE A 583 42.90 -2.58 -10.84
CA ILE A 583 42.21 -1.51 -11.54
C ILE A 583 41.79 -1.96 -12.95
N TYR A 584 42.69 -2.65 -13.63
CA TYR A 584 42.42 -3.14 -14.97
C TYR A 584 41.27 -4.15 -14.98
N ALA A 585 41.29 -5.08 -14.04
CA ALA A 585 40.28 -6.12 -13.96
C ALA A 585 38.90 -5.52 -13.71
N ILE A 586 38.84 -4.51 -12.85
CA ILE A 586 37.59 -3.84 -12.51
C ILE A 586 37.08 -3.02 -13.68
N SER A 587 37.97 -2.26 -14.31
CA SER A 587 37.59 -1.42 -15.44
C SER A 587 37.09 -2.28 -16.59
N ALA A 588 37.75 -3.41 -16.82
CA ALA A 588 37.34 -4.33 -17.88
C ALA A 588 35.93 -4.85 -17.60
N LYS A 589 35.67 -5.20 -16.35
CA LYS A 589 34.38 -5.75 -15.96
C LYS A 589 33.29 -4.71 -16.09
N CYS A 590 33.56 -3.50 -15.59
CA CYS A 590 32.63 -2.39 -15.71
C CYS A 590 32.28 -2.15 -17.18
N PHE A 591 33.32 -2.11 -18.01
CA PHE A 591 33.18 -1.83 -19.43
C PHE A 591 32.23 -2.82 -20.08
N ASP A 592 32.47 -4.11 -19.82
CA ASP A 592 31.69 -5.17 -20.45
C ASP A 592 30.27 -5.26 -19.88
N MET A 593 30.12 -4.94 -18.61
CA MET A 593 28.83 -5.07 -17.92
C MET A 593 27.75 -4.20 -18.56
N CYS A 594 28.15 -3.05 -19.09
CA CYS A 594 27.21 -2.07 -19.65
C CYS A 594 26.32 -2.63 -20.76
N ARG A 595 26.73 -3.72 -21.38
CA ARG A 595 26.01 -4.26 -22.53
C ARG A 595 24.70 -4.93 -22.15
N GLN A 596 24.53 -5.22 -20.87
CA GLN A 596 23.41 -6.02 -20.40
C GLN A 596 22.06 -5.30 -20.48
N GLN A 597 22.10 -3.97 -20.53
CA GLN A 597 20.88 -3.16 -20.63
C GLN A 597 21.05 -2.04 -21.64
N GLY A 598 19.93 -1.62 -22.24
CA GLY A 598 19.94 -0.49 -23.16
C GLY A 598 20.08 0.82 -22.42
N GLY A 599 20.38 1.89 -23.14
CA GLY A 599 20.51 3.22 -22.54
C GLY A 599 21.82 3.42 -21.81
N MET A 600 22.74 2.46 -21.94
CA MET A 600 24.00 2.47 -21.19
C MET A 600 25.21 2.91 -22.01
N ARG A 601 24.98 3.40 -23.22
CA ARG A 601 26.08 3.66 -24.15
C ARG A 601 26.98 4.83 -23.71
N LYS A 602 26.38 5.88 -23.17
CA LYS A 602 27.17 7.03 -22.74
C LYS A 602 27.91 6.72 -21.45
N VAL A 603 27.30 5.92 -20.58
CA VAL A 603 27.98 5.44 -19.39
C VAL A 603 29.16 4.55 -19.80
N GLN A 604 28.91 3.65 -20.74
CA GLN A 604 29.94 2.72 -21.22
C GLN A 604 31.10 3.47 -21.86
N TYR A 605 30.78 4.56 -22.55
CA TYR A 605 31.79 5.39 -23.19
C TYR A 605 32.74 6.00 -22.15
N VAL A 606 32.17 6.59 -21.11
CA VAL A 606 32.96 7.18 -20.04
C VAL A 606 33.80 6.11 -19.36
N ILE A 607 33.19 4.96 -19.09
CA ILE A 607 33.91 3.81 -18.54
C ILE A 607 35.01 3.39 -19.51
N GLY A 608 34.71 3.50 -20.80
CA GLY A 608 35.67 3.13 -21.83
C GLY A 608 36.90 4.01 -21.81
N ILE A 609 36.71 5.30 -21.57
CA ILE A 609 37.83 6.23 -21.48
C ILE A 609 38.75 5.81 -20.34
N TRP A 610 38.14 5.45 -19.21
CA TRP A 610 38.88 5.02 -18.04
C TRP A 610 39.66 3.74 -18.33
N HIS A 611 39.00 2.78 -18.96
CA HIS A 611 39.63 1.51 -19.27
C HIS A 611 40.78 1.68 -20.26
N LEU A 612 40.61 2.59 -21.22
CA LEU A 612 41.66 2.87 -22.19
C LEU A 612 42.92 3.37 -21.51
N MET A 613 42.77 4.22 -20.49
CA MET A 613 43.91 4.72 -19.73
C MET A 613 44.66 3.56 -19.09
N ASN A 614 43.90 2.71 -18.41
CA ASN A 614 44.48 1.56 -17.72
C ASN A 614 45.21 0.65 -18.70
N CYS A 615 44.67 0.52 -19.91
CA CYS A 615 45.34 -0.22 -20.97
C CYS A 615 46.62 0.50 -21.38
N THR A 616 46.52 1.82 -21.56
CA THR A 616 47.65 2.64 -21.95
C THR A 616 48.78 2.58 -20.93
N VAL A 617 48.43 2.70 -19.65
CA VAL A 617 49.42 2.64 -18.58
C VAL A 617 50.07 1.27 -18.52
N ALA A 618 49.25 0.23 -18.64
CA ALA A 618 49.74 -1.15 -18.56
C ALA A 618 50.50 -1.57 -19.82
N MET A 619 50.49 -0.71 -20.84
CA MET A 619 51.14 -0.98 -22.11
C MET A 619 50.63 -2.27 -22.76
N ARG A 620 49.33 -2.50 -22.65
CA ARG A 620 48.70 -3.69 -23.23
C ARG A 620 48.17 -3.37 -24.64
N GLY A 621 48.99 -3.64 -25.64
CA GLY A 621 48.71 -3.27 -27.01
C GLY A 621 47.39 -3.79 -27.57
N LYS A 622 47.14 -5.08 -27.40
CA LYS A 622 45.91 -5.68 -27.90
C LYS A 622 44.68 -5.03 -27.28
N ASP A 623 44.76 -4.75 -25.98
CA ASP A 623 43.63 -4.20 -25.25
C ASP A 623 43.39 -2.73 -25.60
N VAL A 624 44.46 -2.01 -25.95
CA VAL A 624 44.31 -0.63 -26.43
C VAL A 624 43.57 -0.61 -27.76
N ALA A 625 43.94 -1.54 -28.65
CA ALA A 625 43.34 -1.62 -29.96
C ALA A 625 41.84 -1.89 -29.87
N LEU A 626 41.48 -2.91 -29.09
CA LEU A 626 40.07 -3.30 -28.95
C LEU A 626 39.27 -2.22 -28.25
N THR A 627 39.87 -1.56 -27.26
CA THR A 627 39.17 -0.53 -26.51
C THR A 627 38.94 0.72 -27.36
N ASN A 628 39.95 1.13 -28.12
CA ASN A 628 39.79 2.24 -29.04
C ASN A 628 38.70 1.94 -30.06
N ALA A 629 38.69 0.70 -30.55
CA ALA A 629 37.68 0.26 -31.50
C ALA A 629 36.29 0.36 -30.90
N LYS A 630 36.16 -0.07 -29.65
CA LYS A 630 34.87 -0.04 -28.97
C LYS A 630 34.40 1.39 -28.76
N LEU A 631 35.34 2.29 -28.46
CA LEU A 631 35.03 3.70 -28.29
C LEU A 631 34.57 4.29 -29.61
N GLU A 632 35.25 3.91 -30.70
CA GLU A 632 34.84 4.36 -32.03
C GLU A 632 33.44 3.86 -32.36
N ALA A 633 33.14 2.62 -31.97
CA ALA A 633 31.84 2.03 -32.23
C ALA A 633 30.76 2.77 -31.44
N LEU A 634 31.09 3.16 -30.21
CA LEU A 634 30.14 3.86 -29.36
C LEU A 634 29.86 5.27 -29.88
N VAL A 635 30.88 5.94 -30.38
CA VAL A 635 30.71 7.27 -30.95
C VAL A 635 29.76 7.25 -32.13
N LYS A 636 29.85 6.21 -32.96
CA LYS A 636 29.00 6.12 -34.15
C LYS A 636 27.54 5.91 -33.77
N GLN A 637 27.31 5.09 -32.76
CA GLN A 637 25.95 4.83 -32.27
C GLN A 637 25.34 6.07 -31.62
N ILE A 638 26.10 6.69 -30.73
CA ILE A 638 25.63 7.83 -29.96
C ILE A 638 25.31 9.04 -30.84
N THR A 639 26.20 9.34 -31.79
CA THR A 639 26.06 10.53 -32.61
C THR A 639 25.14 10.33 -33.82
N SER A 640 24.32 9.28 -33.77
CA SER A 640 23.36 9.02 -34.85
C SER A 640 22.38 10.18 -35.00
N LEU B 13 43.29 20.55 -12.29
CA LEU B 13 43.97 19.32 -11.91
C LEU B 13 44.27 18.51 -13.13
N TYR B 14 45.24 17.64 -13.03
CA TYR B 14 45.67 16.86 -14.18
C TYR B 14 45.18 15.41 -14.09
N PHE B 15 44.59 14.93 -15.18
CA PHE B 15 44.26 13.52 -15.33
C PHE B 15 44.69 13.08 -16.72
N GLN B 16 45.19 11.85 -16.83
CA GLN B 16 45.69 11.31 -18.08
C GLN B 16 44.60 11.27 -19.15
N SER B 17 43.36 11.06 -18.72
CA SER B 17 42.23 10.90 -19.64
C SER B 17 42.02 12.13 -20.51
N ASN B 18 41.74 13.27 -19.87
CA ASN B 18 41.49 14.50 -20.62
C ASN B 18 42.73 15.00 -21.35
N ALA B 19 43.89 14.52 -20.93
CA ALA B 19 45.15 14.92 -21.55
C ALA B 19 45.34 14.23 -22.89
N MET B 20 45.25 12.90 -22.88
CA MET B 20 45.43 12.11 -24.09
C MET B 20 44.19 12.16 -24.98
N SER B 21 44.39 11.92 -26.27
CA SER B 21 43.30 11.94 -27.24
C SER B 21 42.67 10.56 -27.40
N TYR B 22 41.38 10.55 -27.74
CA TYR B 22 40.64 9.31 -27.95
C TYR B 22 39.41 9.59 -28.80
N PRO B 23 38.78 8.55 -29.36
CA PRO B 23 37.63 8.74 -30.23
C PRO B 23 36.47 9.46 -29.55
N GLY B 24 35.91 10.47 -30.23
CA GLY B 24 34.75 11.18 -29.72
C GLY B 24 35.09 12.36 -28.84
N LYS B 25 36.36 12.50 -28.49
CA LYS B 25 36.80 13.57 -27.58
C LYS B 25 36.46 14.96 -28.12
N ASP B 26 36.43 15.08 -29.44
CA ASP B 26 36.08 16.36 -30.07
C ASP B 26 34.58 16.44 -30.39
N LYS B 27 33.90 15.31 -30.24
CA LYS B 27 32.46 15.27 -30.47
C LYS B 27 31.71 15.73 -29.24
N ASN B 28 30.40 15.90 -29.38
CA ASN B 28 29.55 16.33 -28.27
C ASN B 28 29.08 15.12 -27.47
N ILE B 29 30.02 14.48 -26.77
CA ILE B 29 29.73 13.29 -25.97
C ILE B 29 30.29 13.47 -24.56
N PRO B 30 29.53 13.03 -23.54
CA PRO B 30 30.01 13.17 -22.15
C PRO B 30 31.36 12.49 -21.92
N GLY B 31 32.32 13.23 -21.40
CA GLY B 31 33.63 12.72 -21.09
C GLY B 31 33.82 12.41 -19.61
N ARG B 32 32.81 12.75 -18.83
CA ARG B 32 32.83 12.48 -17.40
C ARG B 32 31.48 11.95 -16.92
N ILE B 33 31.51 11.10 -15.90
CA ILE B 33 30.39 10.22 -15.60
C ILE B 33 29.07 10.95 -15.26
N ILE B 34 29.15 12.10 -14.60
CA ILE B 34 27.94 12.80 -14.20
C ILE B 34 27.18 13.31 -15.42
N GLU B 35 27.92 13.72 -16.44
CA GLU B 35 27.31 14.21 -17.67
C GLU B 35 26.64 13.08 -18.44
N ALA B 36 27.13 11.86 -18.23
CA ALA B 36 26.57 10.69 -18.88
C ALA B 36 25.22 10.30 -18.29
N LEU B 37 24.92 10.83 -17.10
CA LEU B 37 23.69 10.50 -16.40
C LEU B 37 22.58 11.52 -16.62
N GLU B 38 22.87 12.57 -17.40
CA GLU B 38 21.89 13.64 -17.61
C GLU B 38 20.63 13.12 -18.29
N ASP B 39 20.82 12.20 -19.24
CA ASP B 39 19.69 11.62 -19.96
C ASP B 39 19.50 10.15 -19.61
N LEU B 40 19.78 9.82 -18.34
CA LEU B 40 19.61 8.47 -17.84
C LEU B 40 18.98 8.47 -16.44
N PRO B 41 17.65 8.32 -16.38
CA PRO B 41 16.97 8.18 -15.09
C PRO B 41 17.53 7.03 -14.25
N LEU B 42 17.65 7.24 -12.94
CA LEU B 42 18.13 6.19 -12.05
C LEU B 42 17.03 5.15 -11.87
N SER B 43 16.72 4.44 -12.95
CA SER B 43 15.57 3.56 -13.02
C SER B 43 15.68 2.30 -12.17
N TYR B 44 16.85 2.04 -11.62
CA TYR B 44 17.02 0.87 -10.75
C TYR B 44 16.36 1.12 -9.39
N LEU B 45 15.95 2.36 -9.16
CA LEU B 45 15.14 2.69 -7.99
C LEU B 45 13.68 2.36 -8.28
N VAL B 46 13.32 1.10 -8.08
CA VAL B 46 11.97 0.62 -8.39
C VAL B 46 11.01 1.04 -7.28
N PRO B 47 10.03 1.92 -7.59
CA PRO B 47 9.12 2.35 -6.54
C PRO B 47 8.22 1.22 -6.02
N LYS B 48 7.91 1.24 -4.73
CA LYS B 48 7.15 0.17 -4.09
C LYS B 48 5.86 0.69 -3.46
N ASP B 49 5.50 1.94 -3.76
CA ASP B 49 4.33 2.56 -3.15
C ASP B 49 3.06 1.79 -3.47
N GLY B 50 2.22 1.59 -2.45
CA GLY B 50 0.92 0.94 -2.63
C GLY B 50 0.92 -0.53 -2.30
N LEU B 51 2.10 -1.15 -2.25
CA LEU B 51 2.20 -2.58 -2.04
C LEU B 51 1.89 -2.96 -0.59
N ALA B 52 2.37 -2.17 0.35
CA ALA B 52 2.06 -2.38 1.76
C ALA B 52 0.58 -2.16 2.01
N ALA B 53 0.02 -1.15 1.35
CA ALA B 53 -1.39 -0.81 1.51
C ALA B 53 -2.27 -1.91 0.92
N LEU B 54 -1.75 -2.61 -0.08
CA LEU B 54 -2.46 -3.71 -0.72
C LEU B 54 -2.66 -4.85 0.28
N VAL B 55 -1.65 -5.07 1.13
CA VAL B 55 -1.74 -6.08 2.17
C VAL B 55 -2.71 -5.63 3.25
N ASN B 56 -2.79 -4.32 3.46
CA ASN B 56 -3.57 -3.76 4.56
C ASN B 56 -5.04 -3.54 4.22
N ALA B 57 -5.40 -3.71 2.94
CA ALA B 57 -6.76 -3.43 2.49
C ALA B 57 -7.15 -4.32 1.30
N PRO B 58 -8.45 -4.61 1.15
CA PRO B 58 -9.56 -4.14 2.01
C PRO B 58 -9.59 -4.88 3.34
N MET B 59 -9.83 -4.14 4.42
CA MET B 59 -9.83 -4.71 5.75
C MET B 59 -11.05 -4.27 6.53
N ARG B 60 -11.66 -5.20 7.26
CA ARG B 60 -12.80 -4.89 8.10
C ARG B 60 -12.64 -5.51 9.48
N VAL B 61 -12.84 -4.69 10.51
CA VAL B 61 -12.89 -5.14 11.88
C VAL B 61 -14.29 -4.84 12.41
N SER B 62 -14.95 -5.85 12.95
CA SER B 62 -16.34 -5.71 13.39
C SER B 62 -16.62 -6.44 14.70
N LEU B 63 -17.78 -6.15 15.27
CA LEU B 63 -18.23 -6.73 16.54
C LEU B 63 -19.45 -7.61 16.30
N PRO B 64 -19.25 -8.93 16.14
CA PRO B 64 -20.39 -9.80 15.91
C PRO B 64 -21.34 -9.83 17.10
N PHE B 65 -22.65 -9.69 16.83
CA PHE B 65 -23.66 -9.73 17.88
C PHE B 65 -24.66 -10.85 17.59
N ASP B 66 -24.42 -12.01 18.20
CA ASP B 66 -25.24 -13.18 17.98
C ASP B 66 -26.15 -13.44 19.18
N LYS B 67 -27.37 -12.93 19.10
CA LYS B 67 -28.37 -13.12 20.16
C LYS B 67 -29.74 -13.31 19.54
N THR B 68 -30.31 -14.51 19.71
CA THR B 68 -31.59 -14.84 19.13
C THR B 68 -32.73 -14.10 19.84
N ILE B 69 -33.68 -13.61 19.06
CA ILE B 69 -34.85 -12.90 19.61
C ILE B 69 -36.13 -13.46 19.01
N PHE B 70 -37.26 -13.10 19.62
CA PHE B 70 -38.58 -13.53 19.16
C PHE B 70 -38.65 -15.05 19.07
N THR B 71 -38.28 -15.72 20.16
CA THR B 71 -38.26 -17.18 20.22
C THR B 71 -39.46 -17.72 21.00
N SER B 72 -40.07 -16.87 21.83
CA SER B 72 -41.21 -17.29 22.64
C SER B 72 -42.42 -17.61 21.76
N ALA B 73 -42.76 -18.90 21.68
CA ALA B 73 -43.86 -19.34 20.84
C ALA B 73 -45.19 -18.72 21.25
N ASP B 74 -45.30 -18.33 22.52
CA ASP B 74 -46.54 -17.77 23.05
C ASP B 74 -46.69 -16.29 22.72
N ASP B 75 -45.64 -15.69 22.16
CA ASP B 75 -45.67 -14.27 21.80
C ASP B 75 -46.87 -13.94 20.92
N GLY B 76 -47.67 -12.97 21.37
CA GLY B 76 -48.91 -12.62 20.69
C GLY B 76 -48.84 -11.33 19.91
N ARG B 77 -47.68 -10.68 19.92
CA ARG B 77 -47.51 -9.41 19.22
C ARG B 77 -47.59 -9.60 17.71
N ASP B 78 -48.27 -8.68 17.05
CA ASP B 78 -48.36 -8.66 15.59
C ASP B 78 -48.17 -7.24 15.09
N VAL B 79 -48.13 -7.08 13.76
CA VAL B 79 -47.70 -5.82 13.16
C VAL B 79 -48.59 -5.41 11.99
N ASN B 80 -49.08 -4.18 12.04
CA ASN B 80 -49.73 -3.56 10.89
C ASN B 80 -48.68 -3.23 9.84
N ILE B 81 -48.78 -3.85 8.67
CA ILE B 81 -47.73 -3.73 7.66
C ILE B 81 -48.07 -2.82 6.48
N ASN B 82 -49.29 -2.32 6.42
CA ASN B 82 -49.68 -1.47 5.29
C ASN B 82 -49.08 -0.06 5.39
N VAL B 83 -47.74 -0.01 5.40
CA VAL B 83 -47.00 1.25 5.41
C VAL B 83 -45.51 0.96 5.32
N SER B 92 -38.37 14.53 -2.57
CA SER B 92 -38.04 15.94 -2.81
C SER B 92 -36.85 16.06 -3.77
N SER B 93 -36.63 17.26 -4.27
CA SER B 93 -35.53 17.51 -5.20
C SER B 93 -34.71 18.72 -4.75
N ILE B 94 -35.09 19.29 -3.60
CA ILE B 94 -34.38 20.44 -3.05
C ILE B 94 -33.63 20.03 -1.80
N LYS B 95 -32.51 20.71 -1.55
CA LYS B 95 -31.71 20.46 -0.35
C LYS B 95 -32.58 20.62 0.89
N ASN B 96 -32.69 19.55 1.66
CA ASN B 96 -33.60 19.50 2.79
C ASN B 96 -33.01 18.66 3.92
N GLU B 97 -33.52 18.85 5.13
CA GLU B 97 -33.10 18.05 6.27
C GLU B 97 -33.90 16.75 6.32
N ALA B 98 -35.04 16.75 5.63
CA ALA B 98 -35.90 15.56 5.57
C ALA B 98 -35.25 14.44 4.77
N GLU B 99 -34.25 14.79 3.96
CA GLU B 99 -33.56 13.80 3.15
C GLU B 99 -32.59 12.98 4.01
N LYS B 100 -32.52 13.29 5.30
CA LYS B 100 -31.77 12.46 6.24
C LYS B 100 -32.44 11.10 6.38
N GLU B 101 -33.77 11.08 6.32
CA GLU B 101 -34.52 9.85 6.49
C GLU B 101 -34.73 9.13 5.16
N ARG B 102 -34.76 9.88 4.07
CA ARG B 102 -34.95 9.28 2.75
C ARG B 102 -33.69 8.54 2.30
N LEU B 103 -33.84 7.24 2.04
CA LEU B 103 -32.71 6.36 1.80
C LEU B 103 -32.05 6.58 0.44
N VAL B 104 -30.72 6.71 0.47
CA VAL B 104 -29.92 6.83 -0.73
C VAL B 104 -28.90 5.70 -0.78
N PHE B 105 -29.07 4.78 -1.73
CA PHE B 105 -28.23 3.60 -1.82
C PHE B 105 -26.97 3.86 -2.65
N LYS B 106 -25.93 3.07 -2.40
CA LYS B 106 -24.62 3.33 -2.98
C LYS B 106 -24.42 2.75 -4.37
N ARG B 107 -24.26 3.64 -5.35
CA ARG B 107 -23.84 3.22 -6.68
C ARG B 107 -22.46 2.59 -6.59
N PRO B 108 -22.33 1.30 -6.97
CA PRO B 108 -21.01 0.68 -6.89
C PRO B 108 -20.11 1.08 -8.06
N SER B 109 -18.80 1.05 -7.84
CA SER B 109 -17.85 1.33 -8.91
C SER B 109 -17.92 0.26 -10.00
N ASN B 110 -18.14 -0.99 -9.59
CA ASN B 110 -18.15 -2.12 -10.51
C ASN B 110 -19.45 -2.90 -10.48
N PHE B 111 -19.70 -3.63 -11.57
CA PHE B 111 -20.66 -4.72 -11.57
C PHE B 111 -19.94 -5.95 -11.06
N THR B 112 -20.59 -6.72 -10.20
CA THR B 112 -19.95 -7.89 -9.61
C THR B 112 -20.00 -9.08 -10.57
N SER B 113 -20.76 -8.93 -11.65
CA SER B 113 -20.85 -9.96 -12.68
C SER B 113 -20.64 -9.36 -14.06
N SER B 114 -20.14 -10.17 -14.99
CA SER B 114 -19.93 -9.73 -16.36
C SER B 114 -21.27 -9.51 -17.06
N ASN B 124 -33.45 -13.79 -12.47
CA ASN B 124 -34.49 -13.03 -11.79
C ASN B 124 -34.25 -13.23 -10.32
N PHE B 125 -34.08 -12.14 -9.62
CA PHE B 125 -33.63 -12.16 -8.26
C PHE B 125 -34.70 -12.51 -7.26
N LEU B 126 -35.93 -12.63 -7.68
CA LEU B 126 -36.99 -13.02 -6.77
C LEU B 126 -37.06 -14.50 -6.58
N GLU B 127 -36.55 -15.20 -7.55
CA GLU B 127 -36.44 -16.65 -7.49
C GLU B 127 -35.70 -17.08 -6.23
N GLY B 128 -36.36 -17.90 -5.41
CA GLY B 128 -35.80 -18.35 -4.15
C GLY B 128 -36.44 -17.69 -2.95
N LEU B 129 -37.15 -16.59 -3.18
CA LEU B 129 -37.89 -15.93 -2.12
C LEU B 129 -39.12 -16.75 -1.75
N SER B 130 -39.42 -16.82 -0.47
CA SER B 130 -40.62 -17.49 0.00
C SER B 130 -41.85 -16.80 -0.58
N PRO B 131 -42.95 -17.55 -0.74
CA PRO B 131 -44.20 -16.96 -1.24
C PRO B 131 -44.62 -15.71 -0.47
N LEU B 132 -44.50 -15.74 0.86
CA LEU B 132 -44.90 -14.59 1.67
C LEU B 132 -44.01 -13.39 1.37
N ALA B 133 -42.71 -13.62 1.27
CA ALA B 133 -41.76 -12.56 0.93
C ALA B 133 -42.09 -11.98 -0.44
N GLN B 134 -42.46 -12.84 -1.37
CA GLN B 134 -42.83 -12.40 -2.71
C GLN B 134 -44.11 -11.56 -2.67
N SER B 135 -45.07 -12.01 -1.87
CA SER B 135 -46.36 -11.33 -1.79
C SER B 135 -46.22 -9.92 -1.21
N VAL B 136 -45.51 -9.80 -0.10
CA VAL B 136 -45.30 -8.51 0.56
C VAL B 136 -44.51 -7.58 -0.36
N LEU B 137 -43.58 -8.16 -1.12
CA LEU B 137 -42.78 -7.38 -2.06
C LEU B 137 -43.64 -6.79 -3.16
N SER B 138 -44.60 -7.58 -3.67
CA SER B 138 -45.46 -7.14 -4.76
C SER B 138 -46.49 -6.11 -4.30
N THR B 139 -47.00 -6.30 -3.09
CA THR B 139 -47.99 -5.39 -2.53
C THR B 139 -47.42 -4.00 -2.35
N HIS B 140 -46.13 -3.94 -2.03
CA HIS B 140 -45.45 -2.67 -1.78
C HIS B 140 -44.41 -2.40 -2.87
N LYS B 141 -44.86 -2.41 -4.11
CA LYS B 141 -43.98 -2.19 -5.26
C LYS B 141 -43.84 -0.70 -5.56
N GLY B 142 -44.82 0.08 -5.13
CA GLY B 142 -44.80 1.52 -5.34
C GLY B 142 -43.70 2.18 -4.52
N LEU B 143 -43.45 1.61 -3.34
CA LEU B 143 -42.43 2.15 -2.44
C LEU B 143 -41.01 1.84 -2.95
N ASN B 144 -40.91 1.07 -4.03
CA ASN B 144 -39.64 0.72 -4.62
C ASN B 144 -39.31 1.61 -5.81
N ASP B 145 -39.14 2.90 -5.55
CA ASP B 145 -38.59 3.83 -6.51
C ASP B 145 -37.22 4.22 -5.96
N SER B 146 -36.42 3.20 -5.60
CA SER B 146 -35.14 3.36 -4.94
C SER B 146 -34.18 4.28 -5.69
N ILE B 147 -33.56 5.19 -4.95
CA ILE B 147 -32.61 6.14 -5.51
C ILE B 147 -31.18 5.64 -5.28
N ASN B 148 -30.44 5.47 -6.38
CA ASN B 148 -29.05 5.03 -6.32
C ASN B 148 -28.12 6.15 -6.79
N ILE B 149 -27.15 6.49 -5.95
CA ILE B 149 -26.33 7.68 -6.16
C ILE B 149 -24.84 7.38 -5.93
N GLU B 150 -23.99 8.14 -6.61
CA GLU B 150 -22.54 8.05 -6.45
C GLU B 150 -22.05 9.00 -5.35
N LYS B 151 -20.86 8.71 -4.81
CA LYS B 151 -20.24 9.59 -3.83
C LYS B 151 -19.92 10.95 -4.44
S SO4 C . -0.54 9.86 -11.78
O1 SO4 C . -0.63 8.40 -11.87
O2 SO4 C . -1.56 10.46 -12.63
O3 SO4 C . -0.77 10.27 -10.39
O4 SO4 C . 0.77 10.31 -12.21
S SO4 D . -38.50 2.19 28.03
O1 SO4 D . -37.37 2.38 27.13
O2 SO4 D . -38.81 0.77 28.12
O3 SO4 D . -38.16 2.70 29.36
O4 SO4 D . -39.66 2.91 27.51
S SO4 E . 0.83 14.96 14.48
O1 SO4 E . 0.40 13.78 15.22
O2 SO4 E . -0.34 15.68 14.00
O3 SO4 E . 1.60 15.82 15.37
O4 SO4 E . 1.64 14.55 13.34
S SO4 F . 20.39 -10.32 -6.06
O1 SO4 F . 20.81 -11.56 -6.72
O2 SO4 F . 19.21 -10.59 -5.24
O3 SO4 F . 21.48 -9.84 -5.21
O4 SO4 F . 20.08 -9.32 -7.06
S SO4 G . 14.19 21.85 -18.00
O1 SO4 G . 14.47 20.45 -17.72
O2 SO4 G . 12.78 22.13 -17.77
O3 SO4 G . 15.01 22.69 -17.14
O4 SO4 G . 14.51 22.14 -19.40
#